data_3Q0K
#
_entry.id   3Q0K
#
_cell.length_a   31.562
_cell.length_b   353.588
_cell.length_c   86.045
_cell.angle_alpha   90.00
_cell.angle_beta   90.02
_cell.angle_gamma   90.00
#
_symmetry.space_group_name_H-M   'P 1 21 1'
#
loop_
_entity.id
_entity.type
_entity.pdbx_description
1 polymer 'Protein kinase C and casein kinase substrate in neurons protein 2'
2 non-polymer 'CALCIUM ION'
3 water water
#
_entity_poly.entity_id   1
_entity_poly.type   'polypeptide(L)'
_entity_poly.pdbx_seq_one_letter_code
;DSFWEVGNYKRTVKRIDDGHRLCSDLMNCLHERARIEKAYAQQLTEWARRWRQLVEKGPQYGTVEKAWMAFMSEAERVSE
LHLEVKASLMNDDFEKIKNWQKEAFHKQMMGGFKETKEAEDGFRKAQKPWAKKLKEVEAAKKAHHAACKEEKLAISREAN
SKADPSLNPEQLKKLQDKIEKCKQDVLKTKEKYEKSLKELDQGTPQYMENMEQVFEQCQQFEEKRLRFFREVLLEVQKHL
DLSNVAGYKAIYHDLEQSIRAADAVEDLRWFRANHGPGMAMNWPQFEEW
;
_entity_poly.pdbx_strand_id   A,B,C,D
#
loop_
_chem_comp.id
_chem_comp.type
_chem_comp.name
_chem_comp.formula
CA non-polymer 'CALCIUM ION' 'Ca 2'
#
# COMPACT_ATOMS: atom_id res chain seq x y z
N ASP A 1 -8.19 7.24 -43.37
CA ASP A 1 -7.80 7.31 -41.96
C ASP A 1 -7.12 6.06 -41.44
N SER A 2 -6.08 5.69 -42.17
CA SER A 2 -5.10 4.66 -41.89
C SER A 2 -3.96 5.29 -41.17
N PHE A 3 -3.09 4.49 -40.59
CA PHE A 3 -2.00 5.00 -39.80
C PHE A 3 -1.07 5.91 -40.58
N TRP A 4 -0.76 5.51 -41.79
CA TRP A 4 0.20 6.20 -42.61
C TRP A 4 -0.19 7.56 -43.15
N GLU A 5 -1.46 7.87 -43.05
CA GLU A 5 -2.11 9.03 -43.62
C GLU A 5 -1.42 10.08 -42.79
N VAL A 6 -0.98 11.16 -43.39
CA VAL A 6 -0.25 12.13 -42.61
C VAL A 6 -1.07 12.47 -41.42
N GLY A 7 -0.41 12.46 -40.27
CA GLY A 7 -1.07 12.79 -39.03
C GLY A 7 -1.93 11.78 -38.34
N ASN A 8 -1.95 10.55 -38.81
CA ASN A 8 -2.81 9.57 -38.22
C ASN A 8 -2.11 8.87 -37.07
N TYR A 9 -0.91 9.32 -36.81
CA TYR A 9 -0.10 8.82 -35.73
C TYR A 9 -0.63 9.44 -34.42
N LYS A 10 -1.65 10.27 -34.54
CA LYS A 10 -2.28 10.95 -33.39
C LYS A 10 -2.92 9.97 -32.40
N ARG A 11 -3.49 8.88 -32.92
CA ARG A 11 -4.20 7.87 -32.15
C ARG A 11 -3.20 7.07 -31.28
N THR A 12 -2.01 6.82 -31.79
CA THR A 12 -1.02 6.17 -30.93
C THR A 12 -0.37 7.16 -29.99
N VAL A 13 -0.34 8.45 -30.35
CA VAL A 13 0.10 9.49 -29.42
C VAL A 13 -0.88 9.58 -28.23
N LYS A 14 -2.17 9.63 -28.53
CA LYS A 14 -3.18 9.72 -27.52
C LYS A 14 -3.13 8.50 -26.56
N ARG A 15 -2.48 7.41 -26.96
CA ARG A 15 -2.35 6.27 -26.06
C ARG A 15 -1.65 6.54 -24.72
N ILE A 16 -0.74 7.50 -24.71
CA ILE A 16 0.02 7.87 -23.52
C ILE A 16 -0.84 8.51 -22.44
N ASP A 17 -1.49 9.57 -22.84
CA ASP A 17 -2.39 10.31 -22.00
C ASP A 17 -3.36 9.36 -21.37
N ASP A 18 -3.95 8.56 -22.22
CA ASP A 18 -4.87 7.55 -21.80
C ASP A 18 -4.22 6.64 -20.79
N GLY A 19 -2.92 6.37 -20.89
CA GLY A 19 -2.26 5.53 -19.92
C GLY A 19 -2.33 6.03 -18.50
N HIS A 20 -2.12 7.32 -18.36
CA HIS A 20 -2.18 8.05 -17.11
C HIS A 20 -3.61 8.09 -16.60
N ARG A 21 -4.53 8.30 -17.53
CA ARG A 21 -5.93 8.36 -17.23
C ARG A 21 -6.41 7.03 -16.72
N LEU A 22 -6.00 5.96 -17.38
CA LEU A 22 -6.35 4.62 -16.99
C LEU A 22 -5.79 4.30 -15.63
N CYS A 23 -4.58 4.81 -15.34
CA CYS A 23 -3.94 4.57 -14.04
C CYS A 23 -4.85 5.16 -12.97
N SER A 24 -5.33 6.38 -13.24
CA SER A 24 -6.22 7.08 -12.38
C SER A 24 -7.57 6.38 -12.20
N ASP A 25 -8.14 5.89 -13.27
CA ASP A 25 -9.42 5.23 -13.19
C ASP A 25 -9.28 3.97 -12.39
N LEU A 26 -8.16 3.30 -12.54
CA LEU A 26 -7.94 2.10 -11.80
C LEU A 26 -7.86 2.44 -10.34
N MET A 27 -7.07 3.43 -10.00
CA MET A 27 -6.94 3.88 -8.63
C MET A 27 -8.30 4.16 -8.05
N ASN A 28 -9.13 4.83 -8.80
CA ASN A 28 -10.46 5.23 -8.36
C ASN A 28 -11.38 4.07 -8.10
N CYS A 29 -11.33 3.13 -9.02
CA CYS A 29 -12.02 1.88 -8.97
C CYS A 29 -11.71 1.19 -7.69
N LEU A 30 -10.43 1.09 -7.43
CA LEU A 30 -9.96 0.39 -6.28
C LEU A 30 -10.43 1.08 -5.05
N HIS A 31 -10.28 2.37 -5.02
CA HIS A 31 -10.69 3.14 -3.88
C HIS A 31 -12.18 3.03 -3.52
N GLU A 32 -13.02 3.10 -4.52
CA GLU A 32 -14.42 2.81 -4.38
C GLU A 32 -14.69 1.47 -3.75
N ARG A 33 -13.92 0.48 -4.13
CA ARG A 33 -14.10 -0.85 -3.61
C ARG A 33 -13.65 -0.97 -2.17
N ALA A 34 -12.54 -0.34 -1.86
CA ALA A 34 -12.13 -0.14 -0.49
C ALA A 34 -13.21 0.50 0.32
N ARG A 35 -13.88 1.50 -0.21
CA ARG A 35 -14.88 2.23 0.54
C ARG A 35 -16.09 1.37 0.80
N ILE A 36 -16.50 0.61 -0.20
CA ILE A 36 -17.36 -0.54 -0.04
C ILE A 36 -16.96 -1.56 1.04
N GLU A 37 -15.73 -2.02 0.98
CA GLU A 37 -15.24 -2.99 1.94
C GLU A 37 -15.39 -2.53 3.37
N LYS A 38 -14.99 -1.30 3.63
CA LYS A 38 -15.04 -0.69 4.92
C LYS A 38 -16.45 -0.44 5.39
N ALA A 39 -17.38 -0.32 4.49
CA ALA A 39 -18.71 -0.03 4.89
C ALA A 39 -19.38 -1.26 5.49
N TYR A 40 -19.03 -2.40 4.95
CA TYR A 40 -19.53 -3.66 5.43
C TYR A 40 -18.99 -3.81 6.81
N ALA A 41 -17.69 -3.68 6.94
CA ALA A 41 -17.02 -3.87 8.20
C ALA A 41 -17.63 -3.04 9.29
N GLN A 42 -18.23 -1.92 8.92
CA GLN A 42 -18.53 -0.92 9.89
C GLN A 42 -19.93 -1.15 10.35
N GLN A 43 -20.76 -1.63 9.43
CA GLN A 43 -22.12 -1.96 9.72
C GLN A 43 -22.19 -3.20 10.55
N LEU A 44 -21.20 -4.08 10.40
CA LEU A 44 -21.07 -5.23 11.23
C LEU A 44 -20.79 -4.80 12.67
N THR A 45 -19.82 -3.90 12.80
CA THR A 45 -19.33 -3.44 14.09
C THR A 45 -20.44 -2.78 14.88
N GLU A 46 -21.41 -2.20 14.18
CA GLU A 46 -22.47 -1.47 14.87
C GLU A 46 -23.50 -2.45 15.35
N TRP A 47 -23.72 -3.45 14.49
CA TRP A 47 -24.54 -4.62 14.77
C TRP A 47 -24.02 -5.39 16.01
N ALA A 48 -22.76 -5.75 16.05
CA ALA A 48 -22.15 -6.31 17.22
C ALA A 48 -22.30 -5.47 18.50
N ARG A 49 -22.04 -4.19 18.46
CA ARG A 49 -22.19 -3.32 19.62
C ARG A 49 -23.64 -3.28 20.11
N ARG A 50 -24.52 -3.06 19.16
CA ARG A 50 -25.94 -3.04 19.40
C ARG A 50 -26.38 -4.30 20.09
N TRP A 51 -26.21 -5.42 19.42
CA TRP A 51 -26.66 -6.69 19.94
C TRP A 51 -25.98 -7.24 21.15
N ARG A 52 -24.74 -6.87 21.38
CA ARG A 52 -24.10 -7.26 22.59
C ARG A 52 -24.79 -6.62 23.81
N GLN A 53 -24.96 -5.31 23.77
CA GLN A 53 -25.63 -4.61 24.81
C GLN A 53 -27.06 -5.08 24.97
N LEU A 54 -27.75 -5.29 23.87
CA LEU A 54 -29.12 -5.76 23.95
C LEU A 54 -29.25 -7.14 24.54
N VAL A 55 -28.32 -8.01 24.21
CA VAL A 55 -28.40 -9.36 24.71
C VAL A 55 -28.03 -9.34 26.15
N GLU A 56 -27.09 -8.48 26.50
CA GLU A 56 -26.66 -8.33 27.86
C GLU A 56 -27.74 -7.72 28.71
N LYS A 57 -28.60 -6.91 28.15
CA LYS A 57 -29.59 -6.25 28.98
C LYS A 57 -30.87 -7.03 29.10
N GLY A 58 -30.96 -8.08 28.32
CA GLY A 58 -32.12 -8.92 28.29
C GLY A 58 -32.06 -10.16 29.13
N PRO A 59 -33.17 -10.87 29.12
CA PRO A 59 -33.42 -12.03 29.97
C PRO A 59 -32.76 -13.33 29.61
N GLN A 60 -31.91 -13.38 28.62
CA GLN A 60 -31.22 -14.62 28.38
C GLN A 60 -29.94 -14.45 29.09
N TYR A 61 -29.68 -15.41 29.93
CA TYR A 61 -28.48 -15.47 30.69
C TYR A 61 -27.93 -16.86 30.45
N GLY A 62 -26.80 -17.19 31.04
CA GLY A 62 -26.31 -18.54 30.97
C GLY A 62 -25.42 -18.91 29.83
N THR A 63 -25.37 -20.18 29.50
CA THR A 63 -24.55 -20.66 28.42
C THR A 63 -25.18 -20.36 27.09
N VAL A 64 -26.47 -20.12 27.09
CA VAL A 64 -27.15 -19.80 25.85
C VAL A 64 -26.99 -18.36 25.53
N GLU A 65 -26.73 -17.53 26.52
CA GLU A 65 -26.48 -16.13 26.30
C GLU A 65 -25.11 -16.01 25.66
N LYS A 66 -24.22 -16.85 26.14
CA LYS A 66 -22.87 -16.90 25.69
C LYS A 66 -22.73 -17.23 24.21
N ALA A 67 -23.51 -18.17 23.74
CA ALA A 67 -23.52 -18.58 22.36
C ALA A 67 -23.91 -17.44 21.41
N TRP A 68 -24.97 -16.75 21.82
CA TRP A 68 -25.51 -15.62 21.11
C TRP A 68 -24.45 -14.51 21.04
N MET A 69 -23.72 -14.39 22.13
CA MET A 69 -22.67 -13.40 22.20
C MET A 69 -21.44 -13.74 21.36
N ALA A 70 -21.22 -15.02 21.15
CA ALA A 70 -20.11 -15.48 20.35
C ALA A 70 -20.45 -15.03 18.96
N PHE A 71 -21.73 -14.98 18.72
CA PHE A 71 -22.23 -14.49 17.45
C PHE A 71 -21.83 -13.05 17.27
N MET A 72 -22.01 -12.25 18.30
CA MET A 72 -21.56 -10.86 18.20
C MET A 72 -20.05 -10.75 17.95
N SER A 73 -19.34 -11.71 18.50
CA SER A 73 -17.91 -11.82 18.31
C SER A 73 -17.53 -12.06 16.86
N GLU A 74 -18.23 -12.88 16.11
CA GLU A 74 -17.85 -13.09 14.73
C GLU A 74 -17.92 -11.88 13.80
N ALA A 75 -18.97 -11.09 13.87
CA ALA A 75 -19.13 -9.91 13.05
C ALA A 75 -17.93 -8.99 13.14
N GLU A 76 -17.43 -8.82 14.34
CA GLU A 76 -16.30 -7.98 14.62
C GLU A 76 -15.03 -8.51 14.00
N ARG A 77 -14.89 -9.81 14.02
CA ARG A 77 -13.74 -10.47 13.49
C ARG A 77 -13.72 -10.40 11.98
N VAL A 78 -14.93 -10.44 11.42
CA VAL A 78 -15.12 -10.38 10.00
C VAL A 78 -14.81 -8.98 9.58
N SER A 79 -15.20 -8.04 10.42
CA SER A 79 -14.95 -6.65 10.16
C SER A 79 -13.45 -6.43 10.13
N GLU A 80 -12.74 -7.04 11.06
CA GLU A 80 -11.31 -6.91 11.08
C GLU A 80 -10.80 -7.34 9.74
N LEU A 81 -11.22 -8.51 9.31
CA LEU A 81 -10.84 -9.07 8.02
C LEU A 81 -11.08 -8.17 6.81
N HIS A 82 -12.11 -7.34 6.82
CA HIS A 82 -12.45 -6.45 5.71
C HIS A 82 -11.85 -5.07 5.77
N LEU A 83 -11.44 -4.67 6.95
CA LEU A 83 -10.77 -3.42 7.12
C LEU A 83 -9.40 -3.73 6.70
N GLU A 84 -9.02 -4.97 6.91
CA GLU A 84 -7.73 -5.42 6.52
C GLU A 84 -7.64 -5.52 5.00
N VAL A 85 -8.71 -5.91 4.36
CA VAL A 85 -8.79 -5.92 2.92
C VAL A 85 -8.68 -4.49 2.46
N LYS A 86 -9.44 -3.62 3.11
CA LYS A 86 -9.40 -2.23 2.76
C LYS A 86 -7.99 -1.66 2.85
N ALA A 87 -7.26 -1.97 3.91
CA ALA A 87 -5.90 -1.47 4.07
C ALA A 87 -5.04 -2.01 2.97
N SER A 88 -5.06 -3.30 2.76
CA SER A 88 -4.24 -3.80 1.68
C SER A 88 -4.55 -2.99 0.43
N LEU A 89 -5.78 -3.02 -0.03
CA LEU A 89 -6.19 -2.17 -1.16
C LEU A 89 -5.65 -0.74 -1.23
N MET A 90 -5.78 0.02 -0.17
CA MET A 90 -5.43 1.42 -0.20
C MET A 90 -3.95 1.59 0.05
N ASN A 91 -3.42 0.87 1.01
CA ASN A 91 -2.05 1.09 1.44
C ASN A 91 -1.02 0.47 0.54
N ASP A 92 -1.32 -0.70 -0.01
CA ASP A 92 -0.49 -1.31 -0.99
C ASP A 92 -0.80 -0.85 -2.38
N ASP A 93 -1.97 -1.19 -2.83
CA ASP A 93 -2.32 -1.12 -4.20
C ASP A 93 -2.45 0.25 -4.78
N PHE A 94 -3.10 1.11 -4.03
CA PHE A 94 -3.46 2.41 -4.51
C PHE A 94 -2.19 3.17 -4.50
N GLU A 95 -1.35 2.87 -3.53
CA GLU A 95 -0.14 3.61 -3.44
C GLU A 95 0.79 3.19 -4.55
N LYS A 96 0.78 1.91 -4.86
CA LYS A 96 1.62 1.42 -5.91
C LYS A 96 1.27 2.09 -7.19
N ILE A 97 -0.02 2.16 -7.48
CA ILE A 97 -0.44 2.76 -8.72
C ILE A 97 -0.12 4.23 -8.71
N LYS A 98 -0.36 4.89 -7.60
CA LYS A 98 -0.15 6.29 -7.52
C LYS A 98 1.28 6.67 -7.71
N ASN A 99 2.21 5.82 -7.28
CA ASN A 99 3.59 6.18 -7.41
C ASN A 99 4.09 5.81 -8.77
N TRP A 100 3.54 4.74 -9.32
CA TRP A 100 3.90 4.29 -10.63
C TRP A 100 3.57 5.38 -11.65
N GLN A 101 2.38 5.95 -11.54
CA GLN A 101 1.93 6.94 -12.48
C GLN A 101 2.89 8.14 -12.47
N LYS A 102 3.36 8.48 -11.27
CA LYS A 102 4.18 9.66 -11.05
C LYS A 102 5.61 9.50 -11.60
N GLU A 103 6.03 8.30 -11.89
CA GLU A 103 7.39 8.07 -12.37
C GLU A 103 7.38 7.76 -13.84
N ALA A 104 6.24 7.32 -14.35
CA ALA A 104 6.01 7.22 -15.79
C ALA A 104 5.62 8.59 -16.44
N PHE A 105 4.90 9.45 -15.73
CA PHE A 105 4.31 10.61 -16.34
C PHE A 105 4.73 11.90 -15.71
N HIS A 106 5.39 12.74 -16.48
CA HIS A 106 6.00 13.94 -15.98
C HIS A 106 5.38 15.17 -16.60
N LYS A 107 5.01 16.13 -15.78
CA LYS A 107 4.57 17.43 -16.25
C LYS A 107 5.69 18.13 -16.98
N GLN A 108 5.32 18.93 -17.95
CA GLN A 108 6.29 19.65 -18.73
C GLN A 108 5.93 21.09 -18.56
N MET A 109 6.89 21.96 -18.39
CA MET A 109 6.53 23.34 -18.20
C MET A 109 5.68 23.61 -19.40
N MET A 110 4.64 24.37 -19.15
CA MET A 110 3.68 24.67 -20.17
C MET A 110 2.66 23.59 -20.49
N GLY A 111 2.50 22.60 -19.61
CA GLY A 111 1.31 21.78 -19.65
C GLY A 111 1.40 20.47 -20.42
N GLY A 112 0.66 19.46 -20.00
CA GLY A 112 0.78 18.17 -20.63
C GLY A 112 1.93 17.34 -20.11
N PHE A 113 2.26 16.28 -20.80
CA PHE A 113 3.28 15.34 -20.33
C PHE A 113 4.49 15.38 -21.20
N LYS A 114 5.66 15.31 -20.62
CA LYS A 114 6.85 15.28 -21.39
C LYS A 114 6.85 14.08 -22.32
N GLU A 115 6.30 12.95 -21.91
CA GLU A 115 6.32 11.79 -22.80
C GLU A 115 5.37 11.84 -23.97
N THR A 116 4.26 12.55 -23.85
CA THR A 116 3.35 12.63 -24.97
C THR A 116 3.97 13.57 -25.98
N LYS A 117 4.53 14.67 -25.52
CA LYS A 117 5.16 15.60 -26.41
C LYS A 117 6.36 14.99 -27.08
N GLU A 118 7.00 14.05 -26.43
CA GLU A 118 8.15 13.40 -27.01
C GLU A 118 7.75 12.63 -28.24
N ALA A 119 6.70 11.85 -28.13
CA ALA A 119 6.22 11.07 -29.23
C ALA A 119 5.69 11.91 -30.35
N GLU A 120 4.98 12.97 -30.00
CA GLU A 120 4.44 13.86 -30.98
C GLU A 120 5.59 14.44 -31.75
N ASP A 121 6.62 14.89 -31.08
CA ASP A 121 7.73 15.45 -31.81
C ASP A 121 8.42 14.52 -32.82
N GLY A 122 8.69 13.28 -32.44
CA GLY A 122 9.46 12.39 -33.28
C GLY A 122 8.76 11.83 -34.51
N PHE A 123 7.50 11.55 -34.29
CA PHE A 123 6.59 11.27 -35.37
C PHE A 123 6.63 12.39 -36.35
N ARG A 124 6.35 13.59 -35.89
CA ARG A 124 6.37 14.73 -36.76
C ARG A 124 7.63 14.72 -37.57
N LYS A 125 8.77 14.57 -36.93
CA LYS A 125 10.03 14.70 -37.65
C LYS A 125 10.10 13.81 -38.89
N ALA A 126 9.89 12.55 -38.55
CA ALA A 126 10.06 11.39 -39.35
C ALA A 126 9.14 11.50 -40.51
N GLN A 127 7.99 12.09 -40.26
CA GLN A 127 6.99 12.35 -41.25
C GLN A 127 7.28 13.67 -41.92
N LYS A 128 7.66 14.68 -41.15
CA LYS A 128 7.84 15.98 -41.76
C LYS A 128 8.39 15.77 -43.14
N PRO A 129 9.56 15.17 -43.22
CA PRO A 129 10.14 15.05 -44.55
C PRO A 129 9.04 14.55 -45.42
N TRP A 130 8.43 13.40 -45.12
CA TRP A 130 7.58 12.86 -46.22
C TRP A 130 6.27 13.58 -46.54
N ALA A 131 5.87 14.50 -45.70
CA ALA A 131 4.63 15.23 -45.88
C ALA A 131 4.86 16.50 -46.65
N LYS A 132 6.12 16.96 -46.75
CA LYS A 132 6.41 17.93 -47.82
C LYS A 132 6.05 17.47 -49.25
N LYS A 133 6.63 16.37 -49.69
CA LYS A 133 6.50 15.90 -51.05
C LYS A 133 5.08 15.52 -51.34
N LEU A 134 4.34 15.12 -50.32
CA LEU A 134 2.96 14.75 -50.47
C LEU A 134 2.13 15.97 -50.71
N LYS A 135 2.58 17.10 -50.20
CA LYS A 135 1.84 18.33 -50.36
C LYS A 135 2.06 18.76 -51.78
N GLU A 136 3.23 18.44 -52.27
CA GLU A 136 3.58 18.73 -53.64
C GLU A 136 2.78 17.87 -54.58
N VAL A 137 2.71 16.58 -54.33
CA VAL A 137 1.91 15.80 -55.23
C VAL A 137 0.54 16.45 -55.34
N GLU A 138 -0.09 16.69 -54.20
CA GLU A 138 -1.44 17.26 -54.13
C GLU A 138 -1.62 18.51 -55.00
N ALA A 139 -0.65 19.43 -54.98
CA ALA A 139 -0.69 20.64 -55.82
C ALA A 139 -0.54 20.31 -57.32
N ALA A 140 0.22 19.24 -57.60
CA ALA A 140 0.37 18.67 -58.94
C ALA A 140 -0.80 17.76 -59.32
N LYS A 141 -1.61 17.36 -58.35
CA LYS A 141 -2.90 16.74 -58.65
C LYS A 141 -3.87 17.85 -59.03
N LYS A 142 -3.65 19.05 -58.50
CA LYS A 142 -4.44 20.23 -58.84
C LYS A 142 -3.96 20.93 -60.12
N ALA A 143 -2.68 20.82 -60.42
CA ALA A 143 -2.14 21.25 -61.70
C ALA A 143 -2.83 20.47 -62.78
N HIS A 144 -2.74 19.15 -62.69
CA HIS A 144 -3.22 18.29 -63.76
C HIS A 144 -4.70 18.30 -64.03
N HIS A 145 -5.51 18.40 -62.98
CA HIS A 145 -6.94 18.45 -63.19
C HIS A 145 -7.33 19.84 -63.68
N ALA A 146 -6.57 20.83 -63.28
CA ALA A 146 -6.85 22.18 -63.73
C ALA A 146 -6.74 22.20 -65.24
N ALA A 147 -5.57 21.81 -65.74
CA ALA A 147 -5.30 21.75 -67.17
C ALA A 147 -6.30 20.89 -67.92
N CYS A 148 -6.58 19.69 -67.42
CA CYS A 148 -7.52 18.79 -68.08
C CYS A 148 -8.89 19.44 -68.22
N LYS A 149 -9.37 20.06 -67.15
CA LYS A 149 -10.69 20.65 -67.19
C LYS A 149 -10.72 21.88 -68.07
N GLU A 150 -9.59 22.58 -68.12
CA GLU A 150 -9.47 23.76 -68.94
C GLU A 150 -9.58 23.31 -70.38
N GLU A 151 -9.00 22.16 -70.68
CA GLU A 151 -9.05 21.60 -72.01
C GLU A 151 -10.48 21.26 -72.33
N LYS A 152 -11.16 20.65 -71.37
CA LYS A 152 -12.54 20.28 -71.63
C LYS A 152 -13.52 21.45 -71.67
N LEU A 153 -13.10 22.64 -71.26
CA LEU A 153 -14.00 23.77 -71.36
C LEU A 153 -13.80 24.45 -72.70
N ALA A 154 -12.56 24.45 -73.18
CA ALA A 154 -12.20 25.03 -74.46
C ALA A 154 -12.79 24.26 -75.65
N ILE A 155 -13.02 22.97 -75.63
CA ILE A 155 -13.70 22.41 -76.82
C ILE A 155 -15.18 22.87 -77.12
N SER A 156 -15.95 22.95 -76.05
CA SER A 156 -17.37 23.23 -76.14
C SER A 156 -17.78 24.54 -76.81
N ARG A 157 -17.09 25.63 -76.56
CA ARG A 157 -17.47 26.89 -77.21
C ARG A 157 -17.26 26.82 -78.73
N GLU A 158 -16.16 26.17 -79.05
CA GLU A 158 -15.80 26.05 -80.42
C GLU A 158 -16.96 25.32 -81.09
N ALA A 159 -17.39 24.20 -80.49
CA ALA A 159 -18.47 23.44 -81.09
C ALA A 159 -19.69 24.31 -81.18
N ASN A 160 -20.03 24.98 -80.08
CA ASN A 160 -21.14 25.92 -80.09
C ASN A 160 -20.56 27.23 -80.54
N SER A 161 -20.64 27.48 -81.85
CA SER A 161 -21.22 26.55 -82.85
C SER A 161 -20.31 26.23 -84.03
N LYS A 162 -19.54 27.23 -84.40
CA LYS A 162 -19.71 28.48 -83.69
C LYS A 162 -21.11 28.87 -84.09
N ALA A 163 -21.82 29.53 -83.20
CA ALA A 163 -23.17 29.96 -83.52
C ALA A 163 -23.05 31.46 -83.67
N PRO A 165 -22.81 34.05 -87.40
CA PRO A 165 -21.43 34.38 -87.03
C PRO A 165 -21.36 35.52 -86.01
N SER A 166 -20.26 35.62 -85.28
CA SER A 166 -19.03 34.93 -85.61
C SER A 166 -18.54 35.40 -86.94
N LEU A 167 -18.67 36.70 -87.17
CA LEU A 167 -18.40 37.30 -88.48
C LEU A 167 -16.95 37.06 -88.87
N ASN A 168 -16.13 36.78 -87.85
CA ASN A 168 -14.70 36.54 -88.05
C ASN A 168 -14.29 35.09 -88.12
N PRO A 169 -13.09 34.91 -88.66
CA PRO A 169 -12.47 33.60 -88.71
C PRO A 169 -11.35 33.62 -87.70
N GLU A 170 -10.82 34.81 -87.45
CA GLU A 170 -9.73 34.94 -86.51
C GLU A 170 -10.14 34.39 -85.17
N GLN A 171 -11.38 34.66 -84.80
CA GLN A 171 -11.87 34.21 -83.53
C GLN A 171 -11.82 32.69 -83.47
N LEU A 172 -12.20 32.04 -84.54
CA LEU A 172 -12.16 30.59 -84.55
C LEU A 172 -10.73 30.11 -84.42
N LYS A 173 -9.80 30.84 -85.02
CA LYS A 173 -8.40 30.47 -84.94
C LYS A 173 -7.92 30.54 -83.53
N LYS A 174 -8.33 31.58 -82.82
CA LYS A 174 -7.91 31.74 -81.45
C LYS A 174 -8.46 30.57 -80.69
N LEU A 175 -9.69 30.19 -81.00
CA LEU A 175 -10.31 29.06 -80.31
C LEU A 175 -9.54 27.79 -80.52
N GLN A 176 -9.13 27.52 -81.75
CA GLN A 176 -8.38 26.32 -82.02
C GLN A 176 -7.04 26.35 -81.32
N ASP A 177 -6.41 27.51 -81.32
CA ASP A 177 -5.11 27.67 -80.68
C ASP A 177 -5.14 27.48 -79.16
N LYS A 178 -6.20 27.95 -78.53
CA LYS A 178 -6.36 27.87 -77.10
C LYS A 178 -6.51 26.39 -76.81
N ILE A 179 -7.06 25.64 -77.74
CA ILE A 179 -7.14 24.21 -77.52
C ILE A 179 -5.75 23.63 -77.61
N GLU A 180 -4.91 24.21 -78.46
CA GLU A 180 -3.56 23.68 -78.57
C GLU A 180 -2.74 24.02 -77.33
N LYS A 181 -3.09 25.11 -76.67
CA LYS A 181 -2.38 25.48 -75.47
C LYS A 181 -2.71 24.42 -74.45
N CYS A 182 -3.99 24.10 -74.39
CA CYS A 182 -4.54 23.13 -73.47
C CYS A 182 -3.91 21.75 -73.60
N LYS A 183 -3.50 21.34 -74.78
CA LYS A 183 -2.88 20.04 -74.91
C LYS A 183 -1.48 20.14 -74.34
N GLN A 184 -0.90 21.31 -74.49
CA GLN A 184 0.45 21.56 -74.00
C GLN A 184 0.42 21.43 -72.50
N ASP A 185 -0.58 22.05 -71.89
CA ASP A 185 -0.72 22.03 -70.46
C ASP A 185 -0.93 20.63 -69.94
N VAL A 186 -1.89 19.90 -70.48
CA VAL A 186 -2.08 18.55 -70.00
C VAL A 186 -0.77 17.81 -70.11
N LEU A 187 -0.11 17.97 -71.25
CA LEU A 187 1.12 17.26 -71.43
C LEU A 187 2.14 17.54 -70.34
N LYS A 188 2.49 18.80 -70.15
CA LYS A 188 3.51 19.09 -69.16
C LYS A 188 3.05 19.08 -67.72
N THR A 189 1.77 18.89 -67.47
CA THR A 189 1.30 18.82 -66.11
C THR A 189 1.44 17.38 -65.70
N LYS A 190 1.20 16.50 -66.64
CA LYS A 190 1.32 15.09 -66.39
C LYS A 190 2.77 14.78 -66.07
N GLU A 191 3.68 15.33 -66.85
CA GLU A 191 5.08 15.07 -66.61
C GLU A 191 5.46 15.38 -65.16
N LYS A 192 4.98 16.52 -64.67
CA LYS A 192 5.29 16.96 -63.32
C LYS A 192 4.65 16.09 -62.25
N TYR A 193 3.37 15.79 -62.43
CA TYR A 193 2.67 14.93 -61.51
C TYR A 193 3.54 13.68 -61.40
N GLU A 194 4.01 13.23 -62.54
CA GLU A 194 4.78 12.01 -62.66
C GLU A 194 6.06 12.04 -61.87
N LYS A 195 6.83 13.09 -62.08
CA LYS A 195 8.05 13.26 -61.34
C LYS A 195 7.75 13.19 -59.85
N SER A 196 6.76 13.94 -59.39
CA SER A 196 6.50 13.98 -57.96
C SER A 196 6.15 12.61 -57.40
N LEU A 197 5.39 11.86 -58.17
CA LEU A 197 4.98 10.53 -57.73
C LEU A 197 6.19 9.68 -57.61
N LYS A 198 7.05 9.67 -58.62
CA LYS A 198 8.22 8.82 -58.56
C LYS A 198 9.11 9.25 -57.42
N GLU A 199 9.06 10.53 -57.09
CA GLU A 199 9.81 11.05 -55.99
C GLU A 199 9.35 10.42 -54.69
N LEU A 200 8.07 10.55 -54.38
CA LEU A 200 7.58 9.96 -53.14
C LEU A 200 8.15 8.57 -52.83
N ASP A 201 8.07 7.65 -53.79
CA ASP A 201 8.39 6.24 -53.55
C ASP A 201 9.62 5.97 -52.65
N GLN A 202 10.71 6.67 -52.95
CA GLN A 202 11.93 6.57 -52.18
C GLN A 202 11.62 7.21 -50.83
N GLY A 203 10.97 8.36 -50.96
CA GLY A 203 10.61 8.99 -49.73
C GLY A 203 10.07 7.89 -48.84
N THR A 204 9.11 7.17 -49.36
CA THR A 204 8.37 6.17 -48.64
C THR A 204 9.19 5.13 -47.96
N PRO A 205 10.02 4.39 -48.66
CA PRO A 205 10.72 3.44 -47.81
C PRO A 205 11.45 4.13 -46.64
N GLN A 206 12.19 5.21 -46.88
CA GLN A 206 12.88 5.77 -45.69
C GLN A 206 11.98 6.30 -44.57
N TYR A 207 10.86 6.88 -44.96
CA TYR A 207 9.91 7.45 -44.04
C TYR A 207 9.23 6.37 -43.27
N MET A 208 9.04 5.24 -43.91
CA MET A 208 8.37 4.16 -43.25
C MET A 208 9.30 3.65 -42.19
N GLU A 209 10.58 3.62 -42.50
CA GLU A 209 11.54 3.16 -41.51
C GLU A 209 11.56 4.11 -40.34
N ASN A 210 11.39 5.39 -40.63
CA ASN A 210 11.34 6.38 -39.58
C ASN A 210 10.14 6.22 -38.66
N MET A 211 9.00 5.90 -39.24
CA MET A 211 7.77 5.77 -38.49
C MET A 211 7.71 4.55 -37.58
N GLU A 212 8.19 3.41 -38.06
CA GLU A 212 8.22 2.20 -37.28
C GLU A 212 9.16 2.41 -36.07
N GLN A 213 10.25 3.14 -36.28
CA GLN A 213 11.21 3.45 -35.20
C GLN A 213 10.55 4.10 -33.98
N VAL A 214 9.74 5.13 -34.19
CA VAL A 214 9.05 5.81 -33.08
C VAL A 214 7.89 4.95 -32.55
N PHE A 215 7.22 4.24 -33.44
CA PHE A 215 6.10 3.46 -33.01
C PHE A 215 6.61 2.44 -32.00
N GLU A 216 7.72 1.77 -32.33
CA GLU A 216 8.20 0.73 -31.43
C GLU A 216 8.47 1.36 -30.08
N GLN A 217 8.84 2.65 -30.10
CA GLN A 217 9.24 3.34 -28.89
C GLN A 217 8.04 3.71 -28.05
N CYS A 218 6.85 3.73 -28.66
CA CYS A 218 5.60 3.89 -27.92
C CYS A 218 5.09 2.54 -27.38
N GLN A 219 5.20 1.51 -28.21
CA GLN A 219 5.08 0.13 -27.79
C GLN A 219 5.86 -0.20 -26.51
N GLN A 220 7.14 0.18 -26.43
CA GLN A 220 7.95 -0.16 -25.22
C GLN A 220 7.42 0.51 -23.94
N PHE A 221 7.13 1.82 -24.03
CA PHE A 221 6.40 2.53 -23.00
C PHE A 221 5.06 1.87 -22.69
N GLU A 222 4.25 1.61 -23.68
CA GLU A 222 2.97 0.96 -23.41
C GLU A 222 3.07 -0.43 -22.76
N GLU A 223 4.05 -1.20 -23.17
CA GLU A 223 4.25 -2.53 -22.65
C GLU A 223 4.41 -2.45 -21.16
N LYS A 224 5.10 -1.44 -20.69
CA LYS A 224 5.34 -1.23 -19.28
C LYS A 224 4.03 -1.08 -18.54
N ARG A 225 3.22 -0.17 -19.00
CA ARG A 225 1.94 0.03 -18.42
C ARG A 225 1.23 -1.31 -18.32
N LEU A 226 1.08 -1.99 -19.43
CA LEU A 226 0.40 -3.28 -19.39
C LEU A 226 0.95 -4.32 -18.41
N ARG A 227 2.24 -4.51 -18.45
CA ARG A 227 2.93 -5.43 -17.61
C ARG A 227 2.64 -5.11 -16.13
N PHE A 228 2.73 -3.83 -15.79
CA PHE A 228 2.49 -3.31 -14.44
C PHE A 228 1.03 -3.50 -14.04
N PHE A 229 0.14 -3.29 -14.96
CA PHE A 229 -1.26 -3.44 -14.68
C PHE A 229 -1.49 -4.85 -14.28
N ARG A 230 -0.91 -5.78 -15.04
CA ARG A 230 -1.08 -7.19 -14.73
C ARG A 230 -0.50 -7.55 -13.39
N GLU A 231 0.65 -7.01 -13.09
CA GLU A 231 1.30 -7.28 -11.83
C GLU A 231 0.47 -6.93 -10.58
N VAL A 232 -0.12 -5.75 -10.59
CA VAL A 232 -0.93 -5.15 -9.55
C VAL A 232 -2.24 -5.85 -9.33
N LEU A 233 -2.84 -6.32 -10.40
CA LEU A 233 -4.10 -7.00 -10.36
C LEU A 233 -4.00 -8.35 -9.71
N LEU A 234 -2.89 -9.03 -9.90
CA LEU A 234 -2.71 -10.28 -9.24
C LEU A 234 -2.75 -10.02 -7.74
N GLU A 235 -1.98 -9.04 -7.32
CA GLU A 235 -1.91 -8.61 -5.95
C GLU A 235 -3.27 -8.21 -5.35
N VAL A 236 -4.04 -7.44 -6.10
CA VAL A 236 -5.36 -7.00 -5.69
C VAL A 236 -6.19 -8.21 -5.40
N GLN A 237 -6.04 -9.21 -6.25
CA GLN A 237 -6.74 -10.48 -6.18
C GLN A 237 -6.46 -11.18 -4.90
N LYS A 238 -5.19 -11.30 -4.60
CA LYS A 238 -4.77 -11.90 -3.36
C LYS A 238 -5.34 -11.14 -2.15
N HIS A 239 -5.32 -9.83 -2.20
CA HIS A 239 -5.86 -9.03 -1.11
C HIS A 239 -7.35 -9.24 -0.92
N LEU A 240 -8.06 -9.41 -2.00
CA LEU A 240 -9.50 -9.56 -1.93
C LEU A 240 -9.93 -10.96 -1.55
N ASP A 241 -9.03 -11.90 -1.71
CA ASP A 241 -9.36 -13.32 -1.55
C ASP A 241 -9.42 -13.77 -0.10
N LEU A 242 -10.63 -13.90 0.43
CA LEU A 242 -10.77 -14.36 1.82
C LEU A 242 -11.22 -15.80 1.79
N SER A 243 -11.16 -16.41 0.62
CA SER A 243 -11.56 -17.79 0.44
C SER A 243 -10.44 -18.74 0.79
N ASN A 244 -9.24 -18.22 0.85
CA ASN A 244 -8.12 -19.03 1.22
C ASN A 244 -7.43 -18.53 2.48
N VAL A 245 -8.13 -17.76 3.29
CA VAL A 245 -7.57 -17.27 4.54
C VAL A 245 -8.03 -18.18 5.66
N ALA A 246 -7.06 -18.85 6.29
CA ALA A 246 -7.31 -19.79 7.35
C ALA A 246 -7.85 -19.10 8.54
N GLY A 247 -7.48 -17.85 8.68
CA GLY A 247 -7.98 -16.98 9.73
C GLY A 247 -9.50 -16.87 9.70
N TYR A 248 -10.08 -16.78 8.50
CA TYR A 248 -11.53 -16.64 8.37
C TYR A 248 -12.29 -17.86 8.80
N LYS A 249 -11.88 -19.05 8.35
CA LYS A 249 -12.59 -20.27 8.73
C LYS A 249 -12.50 -20.45 10.24
N ALA A 250 -11.43 -19.94 10.85
CA ALA A 250 -11.24 -20.06 12.28
C ALA A 250 -12.39 -19.40 13.02
N ILE A 251 -12.87 -18.28 12.47
CA ILE A 251 -13.97 -17.51 13.06
C ILE A 251 -15.11 -18.43 13.36
N TYR A 252 -15.40 -19.30 12.43
CA TYR A 252 -16.52 -20.19 12.54
C TYR A 252 -16.29 -21.48 13.27
N HIS A 253 -15.06 -21.97 13.29
CA HIS A 253 -14.75 -23.12 14.08
C HIS A 253 -15.08 -22.73 15.49
N ASP A 254 -14.50 -21.61 15.88
CA ASP A 254 -14.67 -21.01 17.18
C ASP A 254 -16.08 -20.72 17.55
N LEU A 255 -16.79 -20.08 16.65
CA LEU A 255 -18.18 -19.75 16.82
C LEU A 255 -18.98 -20.98 17.12
N GLU A 256 -18.77 -21.99 16.31
CA GLU A 256 -19.51 -23.22 16.47
C GLU A 256 -19.22 -23.89 17.78
N GLN A 257 -17.99 -23.82 18.24
CA GLN A 257 -17.63 -24.41 19.52
C GLN A 257 -18.30 -23.75 20.71
N SER A 258 -18.52 -22.44 20.59
CA SER A 258 -19.23 -21.64 21.56
C SER A 258 -20.70 -21.96 21.59
N ILE A 259 -21.25 -22.28 20.43
CA ILE A 259 -22.66 -22.62 20.38
C ILE A 259 -22.83 -23.99 20.99
N ARG A 260 -21.81 -24.82 20.89
CA ARG A 260 -21.96 -26.19 21.38
C ARG A 260 -21.82 -26.21 22.91
N ALA A 261 -21.21 -25.15 23.44
CA ALA A 261 -20.94 -25.08 24.86
C ALA A 261 -22.22 -24.77 25.56
N ALA A 262 -23.26 -24.52 24.78
CA ALA A 262 -24.56 -24.22 25.32
C ALA A 262 -25.13 -25.49 25.91
N ASP A 263 -25.41 -25.45 27.22
CA ASP A 263 -25.96 -26.59 27.96
C ASP A 263 -27.24 -26.19 28.68
N ALA A 264 -28.36 -26.70 28.21
CA ALA A 264 -29.68 -26.32 28.68
C ALA A 264 -29.91 -26.84 30.07
N VAL A 265 -29.27 -27.93 30.39
CA VAL A 265 -29.42 -28.53 31.68
C VAL A 265 -28.72 -27.78 32.80
N GLU A 266 -27.48 -27.39 32.60
CA GLU A 266 -26.77 -26.71 33.66
C GLU A 266 -27.24 -25.29 33.77
N ASP A 267 -27.95 -24.82 32.75
CA ASP A 267 -28.59 -23.53 32.77
C ASP A 267 -29.80 -23.50 33.65
N LEU A 268 -30.39 -24.66 33.83
CA LEU A 268 -31.60 -24.83 34.59
C LEU A 268 -31.29 -25.43 35.94
N ARG A 269 -30.16 -26.12 36.07
CA ARG A 269 -29.66 -26.44 37.40
C ARG A 269 -29.40 -25.14 38.12
N TRP A 270 -28.83 -24.17 37.40
CA TRP A 270 -28.65 -22.85 37.97
C TRP A 270 -29.99 -22.13 38.25
N PHE A 271 -30.99 -22.30 37.40
CA PHE A 271 -32.24 -21.60 37.70
C PHE A 271 -32.92 -22.03 39.02
N ARG A 272 -33.06 -23.33 39.29
CA ARG A 272 -33.70 -23.77 40.55
C ARG A 272 -32.90 -23.47 41.81
N ALA A 273 -31.58 -23.38 41.69
CA ALA A 273 -30.72 -23.06 42.83
C ALA A 273 -30.95 -21.62 43.27
N ASN A 274 -31.13 -20.75 42.29
CA ASN A 274 -31.06 -19.33 42.52
C ASN A 274 -32.41 -18.64 42.45
N HIS A 275 -33.36 -19.30 41.78
CA HIS A 275 -34.70 -18.76 41.59
C HIS A 275 -35.85 -19.72 41.82
N GLY A 276 -35.53 -21.00 42.00
CA GLY A 276 -36.52 -22.03 42.24
C GLY A 276 -36.48 -22.71 43.62
N PRO A 277 -36.93 -23.94 43.66
CA PRO A 277 -37.09 -24.74 44.86
C PRO A 277 -35.85 -24.99 45.67
N GLY A 278 -34.68 -24.90 45.05
CA GLY A 278 -33.43 -25.13 45.75
C GLY A 278 -32.99 -23.96 46.60
N MET A 279 -33.84 -22.96 46.71
CA MET A 279 -33.53 -21.81 47.54
C MET A 279 -33.82 -22.13 48.99
N ALA A 280 -32.97 -21.61 49.86
CA ALA A 280 -33.19 -21.74 51.28
C ALA A 280 -34.45 -20.96 51.65
N MET A 281 -35.09 -21.40 52.74
CA MET A 281 -36.32 -20.80 53.18
C MET A 281 -36.43 -20.76 54.72
N ASN A 282 -36.90 -19.62 55.25
CA ASN A 282 -37.23 -19.53 56.68
C ASN A 282 -38.66 -19.94 56.94
N TRP A 283 -38.86 -21.20 57.24
CA TRP A 283 -40.18 -21.66 57.52
C TRP A 283 -40.59 -21.00 58.80
N PRO A 284 -41.85 -20.68 58.92
CA PRO A 284 -42.31 -19.98 60.11
C PRO A 284 -42.16 -20.82 61.36
N GLN A 285 -41.78 -20.16 62.44
CA GLN A 285 -41.67 -20.79 63.74
C GLN A 285 -41.84 -19.74 64.81
N GLU A 287 -43.03 -16.92 67.75
CA GLU A 287 -42.74 -15.49 67.92
C GLU A 287 -43.19 -14.97 69.29
N GLU A 288 -42.64 -13.87 69.78
CA GLU A 288 -42.98 -13.40 71.11
C GLU A 288 -42.92 -11.88 71.26
N TRP A 289 -43.60 -11.35 72.27
CA TRP A 289 -43.63 -9.91 72.56
C TRP A 289 -45.06 -9.45 72.66
N ASP B 1 -38.66 -12.64 49.72
CA ASP B 1 -37.32 -12.56 49.05
C ASP B 1 -36.86 -13.89 48.41
N SER B 2 -37.53 -15.00 48.78
CA SER B 2 -37.21 -16.38 48.38
C SER B 2 -38.40 -17.08 47.73
N PHE B 3 -38.12 -18.16 46.99
CA PHE B 3 -39.12 -18.85 46.13
C PHE B 3 -40.28 -19.47 46.88
N TRP B 4 -40.03 -19.86 48.11
CA TRP B 4 -41.05 -20.52 48.92
C TRP B 4 -42.10 -19.58 49.55
N GLU B 5 -41.72 -18.32 49.72
CA GLU B 5 -42.61 -17.28 50.21
C GLU B 5 -43.82 -17.15 49.27
N VAL B 6 -44.96 -16.76 49.81
CA VAL B 6 -46.19 -16.71 49.04
C VAL B 6 -46.04 -15.82 47.81
N GLY B 7 -46.25 -16.39 46.62
CA GLY B 7 -46.19 -15.65 45.36
C GLY B 7 -44.79 -15.37 44.80
N ASN B 8 -43.77 -15.96 45.37
CA ASN B 8 -42.43 -15.69 44.87
C ASN B 8 -42.08 -16.57 43.71
N TYR B 9 -43.10 -17.10 43.08
CA TYR B 9 -42.96 -17.95 41.93
C TYR B 9 -43.16 -17.05 40.73
N LYS B 10 -43.54 -15.82 41.01
CA LYS B 10 -43.80 -14.81 40.00
C LYS B 10 -42.69 -14.76 38.98
N ARG B 11 -41.52 -15.19 39.40
CA ARG B 11 -40.34 -15.16 38.57
C ARG B 11 -40.27 -16.23 37.53
N THR B 12 -40.57 -17.45 37.92
CA THR B 12 -40.54 -18.55 36.98
C THR B 12 -41.72 -18.47 36.04
N VAL B 13 -42.71 -17.66 36.36
CA VAL B 13 -43.85 -17.53 35.50
C VAL B 13 -43.54 -16.44 34.49
N LYS B 14 -42.63 -15.56 34.85
CA LYS B 14 -42.23 -14.46 34.02
C LYS B 14 -41.25 -14.93 32.99
N ARG B 15 -40.50 -15.97 33.30
CA ARG B 15 -39.51 -16.52 32.41
C ARG B 15 -40.12 -16.99 31.11
N ILE B 16 -41.40 -17.29 31.15
CA ILE B 16 -42.11 -17.75 29.98
C ILE B 16 -42.52 -16.57 29.10
N ASP B 17 -42.73 -15.40 29.68
CA ASP B 17 -43.09 -14.25 28.88
C ASP B 17 -41.79 -13.82 28.25
N ASP B 18 -40.71 -13.99 29.00
CA ASP B 18 -39.37 -13.66 28.56
C ASP B 18 -38.98 -14.61 27.47
N GLY B 19 -39.48 -15.84 27.56
CA GLY B 19 -39.28 -16.88 26.60
C GLY B 19 -39.77 -16.45 25.22
N HIS B 20 -40.99 -15.90 25.18
CA HIS B 20 -41.53 -15.40 23.91
C HIS B 20 -40.71 -14.26 23.42
N ARG B 21 -40.44 -13.31 24.32
CA ARG B 21 -39.77 -12.05 24.03
C ARG B 21 -38.49 -12.31 23.30
N LEU B 22 -37.72 -13.25 23.82
CA LEU B 22 -36.43 -13.64 23.28
C LEU B 22 -36.51 -14.32 21.93
N CYS B 23 -37.68 -14.80 21.55
CA CYS B 23 -37.77 -15.43 20.24
C CYS B 23 -37.84 -14.32 19.21
N SER B 24 -38.14 -13.12 19.66
CA SER B 24 -38.31 -12.00 18.76
C SER B 24 -37.02 -11.20 18.72
N ASP B 25 -36.42 -11.03 19.87
CA ASP B 25 -35.16 -10.36 19.97
C ASP B 25 -34.17 -11.08 19.03
N LEU B 26 -34.24 -12.39 18.99
CA LEU B 26 -33.37 -13.20 18.16
C LEU B 26 -33.72 -13.12 16.67
N MET B 27 -34.98 -12.94 16.37
CA MET B 27 -35.44 -12.82 15.01
C MET B 27 -35.02 -11.47 14.50
N ASN B 28 -35.15 -10.45 15.32
CA ASN B 28 -34.77 -9.11 14.95
C ASN B 28 -33.29 -9.05 14.69
N CYS B 29 -32.52 -9.68 15.55
CA CYS B 29 -31.08 -9.74 15.43
C CYS B 29 -30.70 -10.36 14.11
N LEU B 30 -31.35 -11.45 13.76
CA LEU B 30 -31.03 -12.06 12.51
C LEU B 30 -31.54 -11.16 11.41
N HIS B 31 -32.77 -10.69 11.52
CA HIS B 31 -33.35 -9.88 10.48
C HIS B 31 -32.36 -8.75 10.14
N GLU B 32 -31.89 -8.02 11.16
CA GLU B 32 -30.95 -6.90 10.95
C GLU B 32 -29.62 -7.29 10.29
N ARG B 33 -29.04 -8.41 10.71
CA ARG B 33 -27.89 -8.98 10.04
C ARG B 33 -28.23 -9.12 8.55
N ALA B 34 -29.40 -9.64 8.24
CA ALA B 34 -29.80 -9.91 6.86
C ALA B 34 -29.69 -8.65 6.01
N ARG B 35 -30.22 -7.55 6.51
CA ARG B 35 -30.14 -6.29 5.80
C ARG B 35 -28.68 -5.86 5.62
N ILE B 36 -27.84 -6.17 6.58
CA ILE B 36 -26.45 -5.80 6.44
C ILE B 36 -25.77 -6.52 5.29
N GLU B 37 -26.09 -7.78 5.13
CA GLU B 37 -25.55 -8.62 4.07
C GLU B 37 -26.03 -8.22 2.68
N LYS B 38 -27.29 -7.86 2.59
CA LYS B 38 -27.90 -7.44 1.36
C LYS B 38 -27.41 -6.05 1.00
N ALA B 39 -27.06 -5.24 1.98
CA ALA B 39 -26.60 -3.92 1.66
C ALA B 39 -25.26 -4.01 0.98
N TYR B 40 -24.38 -4.82 1.53
CA TYR B 40 -23.07 -5.05 1.01
C TYR B 40 -23.23 -5.63 -0.39
N ALA B 41 -24.21 -6.52 -0.55
CA ALA B 41 -24.45 -7.12 -1.84
C ALA B 41 -24.81 -6.07 -2.86
N GLN B 42 -25.76 -5.23 -2.49
CA GLN B 42 -26.22 -4.16 -3.32
C GLN B 42 -25.05 -3.30 -3.72
N GLN B 43 -24.23 -2.93 -2.77
CA GLN B 43 -23.11 -2.08 -3.07
C GLN B 43 -22.18 -2.71 -4.09
N LEU B 44 -21.87 -3.97 -3.92
CA LEU B 44 -21.03 -4.68 -4.85
C LEU B 44 -21.63 -4.72 -6.26
N THR B 45 -22.93 -5.00 -6.38
CA THR B 45 -23.51 -5.03 -7.73
C THR B 45 -23.39 -3.67 -8.35
N GLU B 46 -23.64 -2.64 -7.56
CA GLU B 46 -23.56 -1.29 -8.03
C GLU B 46 -22.17 -0.95 -8.55
N TRP B 47 -21.18 -1.33 -7.78
CA TRP B 47 -19.83 -1.09 -8.14
C TRP B 47 -19.49 -1.79 -9.44
N ALA B 48 -19.87 -3.04 -9.58
CA ALA B 48 -19.57 -3.74 -10.80
C ALA B 48 -20.29 -3.15 -12.02
N ARG B 49 -21.53 -2.69 -11.82
CA ARG B 49 -22.31 -2.10 -12.86
C ARG B 49 -21.60 -0.84 -13.24
N ARG B 50 -21.26 -0.02 -12.25
CA ARG B 50 -20.54 1.21 -12.56
C ARG B 50 -19.26 0.99 -13.36
N TRP B 51 -18.49 0.01 -12.97
CA TRP B 51 -17.16 -0.12 -13.50
C TRP B 51 -17.13 -0.96 -14.79
N ARG B 52 -18.21 -1.70 -15.02
CA ARG B 52 -18.35 -2.36 -16.28
C ARG B 52 -18.56 -1.30 -17.37
N GLN B 53 -19.51 -0.39 -17.17
CA GLN B 53 -19.69 0.72 -18.11
C GLN B 53 -18.38 1.55 -18.30
N LEU B 54 -17.66 1.82 -17.21
CA LEU B 54 -16.48 2.65 -17.33
C LEU B 54 -15.31 2.00 -18.06
N VAL B 55 -15.10 0.70 -17.86
CA VAL B 55 -14.02 0.04 -18.58
C VAL B 55 -14.38 -0.13 -20.06
N GLU B 56 -15.63 -0.48 -20.37
CA GLU B 56 -16.05 -0.63 -21.78
C GLU B 56 -15.82 0.72 -22.50
N LYS B 57 -16.41 1.78 -21.99
CA LYS B 57 -16.27 3.09 -22.57
C LYS B 57 -14.86 3.66 -22.65
N GLY B 58 -14.05 3.42 -21.64
CA GLY B 58 -12.70 3.92 -21.60
C GLY B 58 -11.75 3.28 -22.58
N PRO B 59 -10.54 3.80 -22.66
CA PRO B 59 -9.52 3.33 -23.59
C PRO B 59 -8.70 2.10 -23.25
N GLN B 60 -9.13 1.28 -22.31
CA GLN B 60 -8.39 0.11 -22.01
C GLN B 60 -8.97 -0.96 -22.85
N TYR B 61 -8.14 -1.74 -23.49
CA TYR B 61 -8.64 -2.78 -24.32
C TYR B 61 -7.76 -3.95 -24.37
N GLY B 62 -8.32 -5.02 -24.86
CA GLY B 62 -7.56 -6.19 -25.13
C GLY B 62 -7.67 -7.15 -23.99
N THR B 63 -6.64 -7.93 -23.85
CA THR B 63 -6.51 -8.89 -22.80
C THR B 63 -6.25 -8.23 -21.42
N VAL B 64 -5.87 -6.95 -21.39
CA VAL B 64 -5.75 -6.25 -20.12
C VAL B 64 -7.10 -5.65 -19.71
N GLU B 65 -7.99 -5.47 -20.69
CA GLU B 65 -9.35 -5.08 -20.41
C GLU B 65 -10.10 -6.26 -19.81
N LYS B 66 -9.83 -7.45 -20.33
CA LYS B 66 -10.40 -8.65 -19.78
C LYS B 66 -9.99 -8.81 -18.32
N ALA B 67 -8.71 -8.66 -18.04
CA ALA B 67 -8.27 -8.85 -16.68
C ALA B 67 -8.95 -7.86 -15.75
N TRP B 68 -9.02 -6.61 -16.17
CA TRP B 68 -9.71 -5.64 -15.34
C TRP B 68 -11.15 -6.11 -15.07
N MET B 69 -11.91 -6.42 -16.12
CA MET B 69 -13.31 -6.87 -15.98
C MET B 69 -13.49 -8.07 -15.07
N ALA B 70 -12.53 -8.96 -15.07
CA ALA B 70 -12.55 -10.12 -14.22
C ALA B 70 -13.01 -9.75 -12.82
N PHE B 71 -12.88 -8.49 -12.49
CA PHE B 71 -12.89 -8.07 -11.11
C PHE B 71 -14.26 -7.66 -10.71
N MET B 72 -15.05 -7.31 -11.72
CA MET B 72 -16.42 -6.91 -11.62
C MET B 72 -17.28 -8.13 -11.61
N SER B 73 -16.75 -9.22 -12.14
CA SER B 73 -17.33 -10.52 -12.06
C SER B 73 -17.17 -11.14 -10.69
N GLU B 74 -16.03 -10.95 -10.05
CA GLU B 74 -15.88 -11.48 -8.73
C GLU B 74 -16.71 -10.69 -7.78
N ALA B 75 -16.83 -9.41 -8.02
CA ALA B 75 -17.75 -8.67 -7.21
C ALA B 75 -19.15 -9.24 -7.39
N GLU B 76 -19.47 -9.75 -8.57
CA GLU B 76 -20.84 -10.21 -8.83
C GLU B 76 -21.10 -11.58 -8.20
N ARG B 77 -20.06 -12.33 -7.99
CA ARG B 77 -20.21 -13.60 -7.36
C ARG B 77 -20.28 -13.38 -5.88
N VAL B 78 -19.50 -12.45 -5.38
CA VAL B 78 -19.56 -12.17 -3.97
C VAL B 78 -20.96 -11.62 -3.64
N SER B 79 -21.47 -10.73 -4.47
CA SER B 79 -22.81 -10.17 -4.30
C SER B 79 -23.90 -11.21 -4.19
N GLU B 80 -23.87 -12.18 -5.08
CA GLU B 80 -24.76 -13.30 -5.08
C GLU B 80 -24.62 -14.17 -3.86
N LEU B 81 -23.41 -14.30 -3.41
CA LEU B 81 -23.10 -15.10 -2.27
C LEU B 81 -23.60 -14.54 -0.93
N HIS B 82 -23.57 -13.23 -0.78
CA HIS B 82 -24.05 -12.54 0.41
C HIS B 82 -25.52 -12.30 0.36
N LEU B 83 -26.03 -12.30 -0.84
CA LEU B 83 -27.43 -12.16 -1.10
C LEU B 83 -28.19 -13.40 -0.68
N GLU B 84 -27.55 -14.55 -0.74
CA GLU B 84 -28.18 -15.77 -0.35
C GLU B 84 -27.94 -16.10 1.09
N VAL B 85 -27.08 -15.35 1.74
CA VAL B 85 -27.07 -15.31 3.20
C VAL B 85 -28.31 -14.63 3.77
N LYS B 86 -28.66 -13.48 3.25
CA LYS B 86 -29.96 -12.89 3.49
C LYS B 86 -31.06 -13.91 3.28
N ALA B 87 -30.99 -14.59 2.15
CA ALA B 87 -31.88 -15.67 1.78
C ALA B 87 -31.95 -16.82 2.75
N SER B 88 -30.84 -17.22 3.31
CA SER B 88 -30.83 -18.29 4.27
C SER B 88 -31.23 -17.80 5.62
N LEU B 89 -30.63 -16.72 6.08
CA LEU B 89 -31.03 -16.11 7.32
C LEU B 89 -32.53 -15.89 7.36
N MET B 90 -33.08 -15.41 6.26
CA MET B 90 -34.47 -14.96 6.25
C MET B 90 -35.45 -16.07 5.92
N ASN B 91 -35.13 -16.84 4.88
CA ASN B 91 -36.08 -17.81 4.39
C ASN B 91 -36.10 -18.93 5.36
N ASP B 92 -34.95 -19.26 5.88
CA ASP B 92 -34.91 -20.33 6.81
C ASP B 92 -34.80 -20.18 8.28
N ASP B 93 -33.79 -19.51 8.78
CA ASP B 93 -33.64 -19.43 10.23
C ASP B 93 -34.74 -18.63 10.88
N PHE B 94 -34.86 -17.36 10.52
CA PHE B 94 -35.92 -16.46 10.96
C PHE B 94 -37.24 -17.21 10.95
N GLU B 95 -37.61 -17.80 9.83
CA GLU B 95 -38.90 -18.52 9.78
C GLU B 95 -38.95 -19.73 10.73
N LYS B 96 -37.84 -20.45 10.87
CA LYS B 96 -37.80 -21.49 11.88
C LYS B 96 -38.15 -20.98 13.29
N ILE B 97 -37.59 -19.86 13.69
CA ILE B 97 -37.82 -19.29 15.00
C ILE B 97 -39.21 -18.74 15.09
N LYS B 98 -39.73 -18.24 13.99
CA LYS B 98 -41.09 -17.74 13.97
C LYS B 98 -42.11 -18.84 14.13
N ASN B 99 -41.87 -19.98 13.51
CA ASN B 99 -42.82 -21.04 13.57
C ASN B 99 -42.77 -21.73 14.89
N TRP B 100 -41.60 -21.73 15.49
CA TRP B 100 -41.41 -22.32 16.78
C TRP B 100 -42.12 -21.53 17.84
N GLN B 101 -42.17 -20.23 17.66
CA GLN B 101 -42.78 -19.31 18.60
C GLN B 101 -44.30 -19.35 18.48
N LYS B 102 -44.82 -19.73 17.32
CA LYS B 102 -46.22 -20.05 17.14
C LYS B 102 -46.68 -21.36 17.77
N GLU B 103 -45.78 -22.31 17.89
CA GLU B 103 -46.10 -23.63 18.40
C GLU B 103 -45.78 -23.78 19.87
N ALA B 104 -45.04 -22.83 20.41
CA ALA B 104 -44.71 -22.87 21.81
C ALA B 104 -45.51 -21.85 22.62
N PHE B 105 -45.81 -20.70 22.05
CA PHE B 105 -46.56 -19.71 22.77
C PHE B 105 -47.84 -19.44 22.07
N HIS B 106 -48.92 -19.19 22.80
CA HIS B 106 -50.22 -18.95 22.22
C HIS B 106 -51.01 -17.83 22.83
N LYS B 107 -51.15 -16.71 22.12
CA LYS B 107 -51.92 -15.58 22.58
C LYS B 107 -53.38 -15.99 22.73
N GLN B 108 -54.01 -15.54 23.79
CA GLN B 108 -55.39 -15.88 24.07
C GLN B 108 -56.24 -14.63 23.95
N MET B 109 -57.53 -14.84 23.77
CA MET B 109 -58.45 -13.78 23.51
C MET B 109 -58.56 -12.63 24.49
N MET B 110 -58.22 -12.83 25.74
CA MET B 110 -58.34 -11.78 26.71
C MET B 110 -57.06 -11.53 27.44
N GLY B 111 -55.95 -11.98 26.88
CA GLY B 111 -54.71 -11.81 27.58
C GLY B 111 -53.40 -12.23 26.99
N GLY B 112 -52.68 -12.95 27.81
CA GLY B 112 -51.35 -13.39 27.49
C GLY B 112 -51.27 -14.72 26.85
N PHE B 113 -50.33 -15.51 27.29
CA PHE B 113 -50.16 -16.80 26.72
C PHE B 113 -50.85 -17.81 27.56
N LYS B 114 -51.25 -18.88 26.92
CA LYS B 114 -51.94 -19.96 27.56
C LYS B 114 -50.93 -20.49 28.52
N GLU B 115 -49.72 -20.66 28.03
CA GLU B 115 -48.61 -21.17 28.80
C GLU B 115 -48.38 -20.42 30.11
N THR B 116 -48.32 -19.11 30.01
CA THR B 116 -48.12 -18.25 31.15
C THR B 116 -49.22 -18.45 32.15
N LYS B 117 -50.46 -18.34 31.72
CA LYS B 117 -51.59 -18.49 32.61
C LYS B 117 -51.68 -19.87 33.22
N GLU B 118 -51.23 -20.88 32.52
CA GLU B 118 -51.30 -22.20 33.05
C GLU B 118 -50.29 -22.40 34.13
N ALA B 119 -49.13 -21.82 33.96
CA ALA B 119 -48.15 -21.95 35.00
C ALA B 119 -48.59 -21.08 36.14
N GLU B 120 -49.23 -19.99 35.82
CA GLU B 120 -49.66 -19.06 36.83
C GLU B 120 -50.80 -19.61 37.60
N ASP B 121 -51.47 -20.59 37.04
CA ASP B 121 -52.59 -21.17 37.71
C ASP B 121 -52.19 -22.34 38.54
N GLY B 122 -51.43 -23.25 37.98
CA GLY B 122 -50.98 -24.39 38.74
C GLY B 122 -50.19 -24.03 39.97
N PHE B 123 -49.44 -22.95 39.88
CA PHE B 123 -48.79 -22.33 41.02
C PHE B 123 -49.74 -21.76 42.06
N ARG B 124 -50.73 -21.03 41.64
CA ARG B 124 -51.63 -20.48 42.60
C ARG B 124 -52.28 -21.59 43.40
N LYS B 125 -52.47 -22.73 42.75
CA LYS B 125 -53.37 -23.75 43.21
C LYS B 125 -52.63 -24.75 44.05
N ALA B 126 -51.32 -24.78 43.89
CA ALA B 126 -50.50 -25.67 44.64
C ALA B 126 -49.96 -24.92 45.80
N GLN B 127 -50.33 -23.66 45.92
CA GLN B 127 -49.79 -22.82 46.97
C GLN B 127 -50.88 -22.41 47.91
N LYS B 128 -52.09 -22.88 47.64
CA LYS B 128 -53.28 -22.23 48.12
C LYS B 128 -53.64 -22.73 49.49
N PRO B 129 -53.67 -24.03 49.65
CA PRO B 129 -53.85 -24.64 50.96
C PRO B 129 -52.86 -24.09 51.97
N TRP B 130 -51.62 -23.91 51.56
CA TRP B 130 -50.55 -23.66 52.49
C TRP B 130 -50.47 -22.19 52.76
N ALA B 131 -50.99 -21.38 51.86
CA ALA B 131 -50.98 -19.95 52.08
C ALA B 131 -52.14 -19.65 52.99
N LYS B 132 -53.13 -20.51 52.94
CA LYS B 132 -54.31 -20.36 53.76
C LYS B 132 -53.94 -20.61 55.21
N LYS B 133 -53.18 -21.66 55.41
CA LYS B 133 -52.74 -22.03 56.72
C LYS B 133 -51.86 -20.92 57.23
N LEU B 134 -51.16 -20.24 56.34
CA LEU B 134 -50.28 -19.17 56.74
C LEU B 134 -51.03 -17.98 57.27
N LYS B 135 -52.12 -17.63 56.64
CA LYS B 135 -52.89 -16.51 57.11
C LYS B 135 -53.44 -16.91 58.45
N GLU B 136 -53.88 -18.16 58.55
CA GLU B 136 -54.43 -18.65 59.79
C GLU B 136 -53.39 -18.46 60.88
N VAL B 137 -52.18 -18.91 60.62
CA VAL B 137 -51.11 -18.79 61.57
C VAL B 137 -50.77 -17.35 61.91
N GLU B 138 -50.65 -16.49 60.92
CA GLU B 138 -50.30 -15.12 61.23
C GLU B 138 -51.35 -14.45 62.08
N ALA B 139 -52.62 -14.67 61.78
CA ALA B 139 -53.70 -14.09 62.56
C ALA B 139 -53.64 -14.57 64.00
N ALA B 140 -53.39 -15.86 64.17
CA ALA B 140 -53.27 -16.44 65.48
C ALA B 140 -52.13 -15.83 66.26
N LYS B 141 -50.99 -15.63 65.61
CA LYS B 141 -49.85 -15.09 66.33
C LYS B 141 -50.10 -13.67 66.68
N LYS B 142 -50.92 -13.01 65.88
CA LYS B 142 -51.20 -11.62 66.16
C LYS B 142 -52.16 -11.54 67.33
N ALA B 143 -53.04 -12.53 67.44
CA ALA B 143 -54.00 -12.62 68.51
C ALA B 143 -53.31 -13.12 69.73
N HIS B 144 -52.04 -13.45 69.57
CA HIS B 144 -51.27 -13.85 70.72
C HIS B 144 -50.29 -12.77 71.11
N HIS B 145 -50.11 -11.82 70.23
CA HIS B 145 -49.26 -10.70 70.53
C HIS B 145 -50.16 -9.65 71.12
N ALA B 146 -51.47 -9.85 70.98
CA ALA B 146 -52.47 -8.98 71.55
C ALA B 146 -52.81 -9.34 72.99
N ALA B 147 -53.04 -10.62 73.23
CA ALA B 147 -53.39 -11.05 74.55
C ALA B 147 -52.22 -10.73 75.44
N CYS B 148 -51.03 -11.00 74.94
CA CYS B 148 -49.83 -10.75 75.70
C CYS B 148 -49.81 -9.31 76.17
N LYS B 149 -49.98 -8.39 75.23
CA LYS B 149 -49.94 -6.99 75.58
C LYS B 149 -51.01 -6.62 76.59
N GLU B 150 -52.25 -7.03 76.37
CA GLU B 150 -53.27 -6.64 77.32
C GLU B 150 -53.01 -7.20 78.74
N GLU B 151 -52.50 -8.41 78.82
CA GLU B 151 -52.26 -8.99 80.12
C GLU B 151 -51.16 -8.21 80.80
N LYS B 152 -50.11 -7.91 80.06
CA LYS B 152 -49.02 -7.18 80.66
C LYS B 152 -49.53 -5.84 81.14
N LEU B 153 -50.44 -5.24 80.40
CA LEU B 153 -50.93 -3.94 80.78
C LEU B 153 -51.83 -3.94 82.00
N ALA B 154 -52.60 -5.00 82.18
CA ALA B 154 -53.43 -5.12 83.37
C ALA B 154 -52.48 -5.20 84.55
N ILE B 155 -51.39 -5.94 84.33
CA ILE B 155 -50.41 -6.08 85.39
C ILE B 155 -49.77 -4.74 85.74
N SER B 156 -49.51 -3.88 84.77
CA SER B 156 -48.95 -2.57 85.08
C SER B 156 -49.94 -1.80 85.95
N ARG B 157 -51.20 -2.03 85.65
CA ARG B 157 -52.29 -1.35 86.31
C ARG B 157 -52.26 -1.63 87.80
N GLU B 158 -51.84 -2.84 88.17
CA GLU B 158 -51.62 -3.20 89.56
C GLU B 158 -50.47 -2.42 90.19
N ALA B 159 -49.52 -2.04 89.35
CA ALA B 159 -48.43 -1.19 89.80
C ALA B 159 -49.05 0.12 90.20
N ASN B 160 -49.97 0.60 89.37
CA ASN B 160 -50.69 1.83 89.71
C ASN B 160 -51.57 1.60 90.95
N SER B 161 -51.96 0.35 91.10
CA SER B 161 -52.74 -0.18 92.22
C SER B 161 -52.03 -0.04 93.56
N LYS B 162 -50.74 -0.35 93.64
CA LYS B 162 -50.07 -0.03 94.89
C LYS B 162 -49.85 1.45 94.63
N ASP B 164 -51.67 4.38 95.07
CA ASP B 164 -52.98 4.99 95.30
C ASP B 164 -53.62 4.52 96.59
N PRO B 165 -53.75 5.40 97.56
CA PRO B 165 -54.35 5.02 98.83
C PRO B 165 -55.86 5.19 98.81
N SER B 166 -56.37 5.58 97.65
CA SER B 166 -57.79 5.88 97.49
C SER B 166 -58.80 4.75 97.69
N LEU B 167 -58.52 3.53 97.25
CA LEU B 167 -59.52 2.47 97.42
C LEU B 167 -59.01 1.04 97.45
N ASN B 168 -59.91 0.12 97.82
CA ASN B 168 -59.60 -1.29 97.87
C ASN B 168 -60.74 -2.12 98.43
N GLU B 170 -62.91 -3.77 96.18
CA GLU B 170 -63.62 -4.32 94.94
C GLU B 170 -62.58 -3.99 93.92
N GLN B 171 -61.89 -2.87 94.05
CA GLN B 171 -60.94 -2.45 93.04
C GLN B 171 -59.74 -3.38 92.80
N LEU B 172 -59.15 -3.90 93.85
CA LEU B 172 -58.04 -4.84 93.72
C LEU B 172 -58.49 -6.19 93.20
N LYS B 173 -59.60 -6.69 93.71
CA LYS B 173 -60.10 -7.97 93.30
C LYS B 173 -60.33 -7.99 91.80
N LYS B 174 -60.84 -6.89 91.28
CA LYS B 174 -61.08 -6.81 89.87
C LYS B 174 -59.74 -6.96 89.22
N LEU B 175 -58.74 -6.30 89.75
CA LEU B 175 -57.43 -6.40 89.13
C LEU B 175 -56.96 -7.84 89.09
N GLN B 176 -57.07 -8.55 90.20
CA GLN B 176 -56.61 -9.94 90.23
C GLN B 176 -57.39 -10.80 89.26
N ASP B 177 -58.70 -10.63 89.19
CA ASP B 177 -59.50 -11.43 88.28
C ASP B 177 -59.16 -11.13 86.84
N LYS B 178 -58.91 -9.86 86.55
CA LYS B 178 -58.58 -9.48 85.21
C LYS B 178 -57.30 -10.16 84.88
N ILE B 179 -56.36 -10.12 85.80
CA ILE B 179 -55.10 -10.75 85.50
C ILE B 179 -55.29 -12.22 85.29
N GLU B 180 -56.10 -12.86 86.11
CA GLU B 180 -56.26 -14.28 85.92
C GLU B 180 -56.80 -14.59 84.53
N LYS B 181 -57.86 -13.90 84.12
CA LYS B 181 -58.39 -14.19 82.79
C LYS B 181 -57.46 -13.84 81.64
N CYS B 182 -56.79 -12.72 81.77
CA CYS B 182 -55.90 -12.31 80.72
C CYS B 182 -54.78 -13.29 80.62
N LYS B 183 -54.29 -13.73 81.76
CA LYS B 183 -53.19 -14.66 81.79
C LYS B 183 -53.62 -15.95 81.15
N GLN B 184 -54.85 -16.34 81.42
CA GLN B 184 -55.43 -17.53 80.86
C GLN B 184 -55.67 -17.41 79.36
N ASP B 185 -56.14 -16.24 78.95
CA ASP B 185 -56.44 -15.98 77.56
C ASP B 185 -55.13 -15.97 76.84
N VAL B 186 -54.07 -15.49 77.48
CA VAL B 186 -52.79 -15.56 76.83
C VAL B 186 -52.55 -17.03 76.60
N LEU B 187 -52.76 -17.83 77.61
CA LEU B 187 -52.60 -19.28 77.47
C LEU B 187 -53.34 -19.90 76.27
N LYS B 188 -54.62 -19.61 76.11
CA LYS B 188 -55.35 -20.23 75.01
C LYS B 188 -54.78 -19.81 73.67
N THR B 189 -54.69 -18.52 73.45
CA THR B 189 -54.26 -18.01 72.16
C THR B 189 -52.94 -18.70 71.88
N LYS B 190 -52.16 -18.92 72.92
CA LYS B 190 -50.91 -19.61 72.73
C LYS B 190 -51.12 -20.97 72.07
N GLU B 191 -51.94 -21.80 72.69
CA GLU B 191 -52.18 -23.14 72.19
C GLU B 191 -52.73 -23.12 70.77
N LYS B 192 -53.67 -22.23 70.51
CA LYS B 192 -54.25 -22.14 69.19
C LYS B 192 -53.15 -21.90 68.18
N TYR B 193 -52.36 -20.88 68.44
CA TYR B 193 -51.26 -20.54 67.58
C TYR B 193 -50.34 -21.71 67.36
N GLU B 194 -49.83 -22.33 68.40
CA GLU B 194 -48.85 -23.35 68.10
C GLU B 194 -49.46 -24.58 67.45
N LYS B 195 -50.76 -24.75 67.64
CA LYS B 195 -51.48 -25.86 67.04
C LYS B 195 -51.58 -25.63 65.55
N SER B 196 -51.89 -24.40 65.18
CA SER B 196 -51.97 -24.04 63.79
C SER B 196 -50.59 -24.08 63.16
N LEU B 197 -49.57 -23.80 63.95
CA LEU B 197 -48.24 -23.82 63.38
C LEU B 197 -47.91 -25.25 63.10
N LYS B 198 -48.37 -26.20 63.89
CA LYS B 198 -48.05 -27.60 63.61
C LYS B 198 -48.59 -28.11 62.27
N GLU B 199 -49.85 -27.75 62.05
CA GLU B 199 -50.55 -28.16 60.89
C GLU B 199 -49.85 -27.62 59.68
N LEU B 200 -49.38 -26.39 59.77
CA LEU B 200 -48.68 -25.79 58.66
C LEU B 200 -47.46 -26.62 58.31
N ASP B 201 -46.72 -27.13 59.28
CA ASP B 201 -45.55 -27.93 58.98
C ASP B 201 -45.85 -29.25 58.24
N GLN B 202 -46.89 -29.92 58.70
CA GLN B 202 -47.25 -31.16 57.97
C GLN B 202 -47.70 -30.84 56.54
N GLY B 203 -48.45 -29.75 56.53
CA GLY B 203 -49.03 -29.29 55.31
C GLY B 203 -47.91 -28.99 54.38
N THR B 204 -46.82 -28.45 54.91
CA THR B 204 -45.67 -28.06 54.12
C THR B 204 -45.00 -29.18 53.42
N PRO B 205 -44.85 -30.33 54.04
CA PRO B 205 -44.25 -31.31 53.14
C PRO B 205 -45.17 -31.52 51.92
N GLN B 206 -46.47 -31.62 52.21
CA GLN B 206 -47.29 -31.79 51.00
C GLN B 206 -47.26 -30.62 49.99
N TYR B 207 -47.22 -29.41 50.49
CA TYR B 207 -47.19 -28.20 49.68
C TYR B 207 -45.95 -28.17 48.87
N MET B 208 -44.86 -28.60 49.46
CA MET B 208 -43.60 -28.64 48.77
C MET B 208 -43.70 -29.58 47.59
N GLU B 209 -44.38 -30.70 47.73
CA GLU B 209 -44.46 -31.57 46.55
C GLU B 209 -45.15 -30.96 45.30
N ASN B 210 -46.28 -30.32 45.50
CA ASN B 210 -47.07 -29.66 44.46
C ASN B 210 -46.40 -28.50 43.74
N MET B 211 -45.60 -27.71 44.47
CA MET B 211 -44.86 -26.62 43.86
C MET B 211 -43.80 -27.13 42.89
N GLU B 212 -43.18 -28.26 43.22
CA GLU B 212 -42.09 -28.80 42.39
C GLU B 212 -42.66 -29.47 41.16
N GLN B 213 -43.86 -30.04 41.29
CA GLN B 213 -44.55 -30.63 40.17
C GLN B 213 -44.71 -29.52 39.16
N VAL B 214 -45.34 -28.44 39.55
CA VAL B 214 -45.49 -27.28 38.68
C VAL B 214 -44.19 -26.70 38.14
N PHE B 215 -43.14 -26.72 38.93
CA PHE B 215 -41.91 -26.01 38.60
C PHE B 215 -41.12 -26.77 37.59
N GLU B 216 -41.24 -28.09 37.63
CA GLU B 216 -40.36 -28.90 36.86
C GLU B 216 -40.92 -29.01 35.48
N GLN B 217 -42.18 -28.68 35.29
CA GLN B 217 -42.63 -28.49 33.93
C GLN B 217 -42.59 -27.08 33.48
N CYS B 218 -42.04 -26.20 34.28
CA CYS B 218 -41.72 -24.91 33.76
C CYS B 218 -40.31 -25.01 33.18
N GLN B 219 -39.45 -25.68 33.93
CA GLN B 219 -38.11 -25.99 33.50
C GLN B 219 -38.14 -26.73 32.19
N GLN B 220 -39.04 -27.67 32.03
CA GLN B 220 -39.14 -28.53 30.87
C GLN B 220 -39.38 -27.80 29.55
N PHE B 221 -40.33 -26.90 29.61
CA PHE B 221 -40.76 -26.05 28.54
C PHE B 221 -39.61 -25.11 28.20
N GLU B 222 -38.98 -24.65 29.27
CA GLU B 222 -37.88 -23.75 29.14
C GLU B 222 -36.71 -24.43 28.45
N GLU B 223 -36.52 -25.70 28.75
CA GLU B 223 -35.43 -26.50 28.22
C GLU B 223 -35.66 -26.66 26.75
N LYS B 224 -36.92 -26.81 26.37
CA LYS B 224 -37.26 -26.86 24.96
C LYS B 224 -36.78 -25.63 24.24
N ARG B 225 -37.06 -24.45 24.77
CA ARG B 225 -36.62 -23.21 24.16
C ARG B 225 -35.14 -23.10 24.09
N LEU B 226 -34.46 -23.56 25.12
CA LEU B 226 -33.02 -23.52 25.11
C LEU B 226 -32.41 -24.44 24.06
N ARG B 227 -32.96 -25.62 23.95
CA ARG B 227 -32.46 -26.58 22.99
C ARG B 227 -32.71 -26.11 21.59
N PHE B 228 -33.77 -25.36 21.40
CA PHE B 228 -34.08 -24.87 20.10
C PHE B 228 -33.08 -23.78 19.81
N PHE B 229 -32.89 -22.86 20.73
CA PHE B 229 -31.93 -21.82 20.46
C PHE B 229 -30.64 -22.48 20.01
N ARG B 230 -30.24 -23.55 20.69
CA ARG B 230 -29.00 -24.19 20.33
C ARG B 230 -29.00 -24.76 18.91
N GLU B 231 -29.95 -25.61 18.64
CA GLU B 231 -30.05 -26.20 17.33
C GLU B 231 -30.12 -25.17 16.24
N VAL B 232 -30.72 -24.02 16.50
CA VAL B 232 -30.91 -23.08 15.43
C VAL B 232 -29.72 -22.17 15.24
N LEU B 233 -29.02 -21.86 16.31
CA LEU B 233 -27.88 -21.01 16.20
C LEU B 233 -26.73 -21.71 15.51
N LEU B 234 -26.63 -23.01 15.71
CA LEU B 234 -25.71 -23.83 14.94
C LEU B 234 -26.03 -23.85 13.48
N GLU B 235 -27.31 -23.82 13.14
CA GLU B 235 -27.68 -23.62 11.75
C GLU B 235 -27.38 -22.24 11.18
N VAL B 236 -27.63 -21.19 11.94
CA VAL B 236 -27.39 -19.81 11.54
C VAL B 236 -25.95 -19.62 11.16
N GLN B 237 -25.07 -20.33 11.83
CA GLN B 237 -23.65 -20.08 11.71
C GLN B 237 -23.07 -20.75 10.46
N LYS B 238 -23.65 -21.87 10.09
CA LYS B 238 -23.46 -22.43 8.78
C LYS B 238 -23.82 -21.48 7.66
N HIS B 239 -24.95 -20.82 7.76
CA HIS B 239 -25.38 -19.93 6.70
C HIS B 239 -24.48 -18.71 6.58
N LEU B 240 -23.95 -18.26 7.69
CA LEU B 240 -23.01 -17.17 7.70
C LEU B 240 -21.66 -17.54 7.13
N ASP B 241 -21.23 -18.77 7.37
CA ASP B 241 -19.95 -19.22 6.86
C ASP B 241 -19.86 -19.39 5.33
N LEU B 242 -19.12 -18.52 4.66
CA LEU B 242 -19.05 -18.55 3.23
C LEU B 242 -18.05 -19.54 2.74
N SER B 243 -17.19 -20.03 3.64
CA SER B 243 -16.25 -21.10 3.28
C SER B 243 -16.99 -22.45 3.23
N ASN B 244 -18.24 -22.43 3.71
CA ASN B 244 -19.16 -23.56 3.57
C ASN B 244 -19.71 -23.68 2.17
N VAL B 245 -19.29 -22.78 1.30
CA VAL B 245 -19.80 -22.72 -0.06
C VAL B 245 -18.73 -23.23 -1.03
N ALA B 246 -19.13 -24.16 -1.90
CA ALA B 246 -18.22 -24.82 -2.81
C ALA B 246 -17.55 -23.83 -3.74
N GLY B 247 -18.38 -23.08 -4.43
CA GLY B 247 -17.88 -22.13 -5.42
C GLY B 247 -17.21 -20.87 -4.90
N TYR B 248 -17.10 -20.64 -3.61
CA TYR B 248 -16.42 -19.44 -3.12
C TYR B 248 -14.93 -19.35 -3.57
N LYS B 249 -14.30 -20.47 -3.36
CA LYS B 249 -12.92 -20.66 -3.69
C LYS B 249 -12.67 -20.47 -5.18
N ALA B 250 -13.65 -20.90 -5.97
CA ALA B 250 -13.63 -20.82 -7.43
C ALA B 250 -13.77 -19.40 -7.91
N ILE B 251 -14.45 -18.55 -7.17
CA ILE B 251 -14.57 -17.19 -7.60
C ILE B 251 -13.15 -16.61 -7.72
N TYR B 252 -12.37 -16.83 -6.69
CA TYR B 252 -11.01 -16.37 -6.62
C TYR B 252 -10.05 -17.08 -7.59
N HIS B 253 -10.30 -18.35 -7.83
CA HIS B 253 -9.48 -19.09 -8.74
C HIS B 253 -9.74 -18.53 -10.14
N ASP B 254 -10.99 -18.24 -10.47
CA ASP B 254 -11.34 -17.71 -11.76
C ASP B 254 -10.77 -16.33 -11.92
N LEU B 255 -10.80 -15.54 -10.85
CA LEU B 255 -10.26 -14.20 -10.94
C LEU B 255 -8.82 -14.30 -11.33
N GLU B 256 -8.11 -15.14 -10.58
CA GLU B 256 -6.70 -15.34 -10.84
C GLU B 256 -6.43 -15.77 -12.26
N GLN B 257 -7.22 -16.69 -12.75
CA GLN B 257 -7.04 -17.15 -14.10
C GLN B 257 -7.20 -16.06 -15.12
N SER B 258 -8.22 -15.24 -14.98
CA SER B 258 -8.42 -14.16 -15.92
C SER B 258 -7.28 -13.15 -15.92
N ILE B 259 -6.73 -12.86 -14.74
CA ILE B 259 -5.64 -11.91 -14.70
C ILE B 259 -4.38 -12.46 -15.36
N ARG B 260 -4.14 -13.74 -15.18
CA ARG B 260 -3.00 -14.42 -15.73
C ARG B 260 -2.98 -14.45 -17.25
N ALA B 261 -4.14 -14.54 -17.84
CA ALA B 261 -4.32 -14.56 -19.26
C ALA B 261 -3.88 -13.30 -19.96
N ALA B 262 -4.05 -12.14 -19.34
CA ALA B 262 -3.68 -10.90 -19.97
C ALA B 262 -2.26 -10.92 -20.44
N ASP B 263 -2.11 -10.81 -21.75
CA ASP B 263 -0.84 -10.87 -22.44
C ASP B 263 -0.46 -9.52 -22.97
N ALA B 264 0.60 -8.95 -22.45
CA ALA B 264 0.96 -7.63 -22.91
C ALA B 264 1.27 -7.65 -24.37
N VAL B 265 2.04 -8.63 -24.84
CA VAL B 265 2.36 -8.67 -26.26
C VAL B 265 1.18 -8.95 -27.17
N GLU B 266 0.37 -9.95 -26.87
CA GLU B 266 -0.80 -10.15 -27.70
C GLU B 266 -1.51 -8.82 -27.91
N ASP B 267 -1.55 -8.04 -26.83
CA ASP B 267 -2.18 -6.74 -26.85
C ASP B 267 -1.45 -5.73 -27.67
N LEU B 268 -0.12 -5.79 -27.65
CA LEU B 268 0.69 -4.86 -28.42
C LEU B 268 0.58 -5.16 -29.92
N ARG B 269 0.62 -6.43 -30.29
CA ARG B 269 0.41 -6.87 -31.67
C ARG B 269 -1.00 -6.52 -32.21
N TRP B 270 -2.00 -6.49 -31.33
CA TRP B 270 -3.34 -6.06 -31.75
C TRP B 270 -3.36 -4.59 -32.13
N PHE B 271 -2.54 -3.77 -31.48
CA PHE B 271 -2.57 -2.34 -31.73
C PHE B 271 -1.82 -1.98 -33.01
N ARG B 272 -0.63 -2.57 -33.19
CA ARG B 272 0.14 -2.42 -34.40
C ARG B 272 -0.69 -2.72 -35.64
N ALA B 273 -1.48 -3.78 -35.57
CA ALA B 273 -2.20 -4.24 -36.77
C ALA B 273 -3.48 -3.45 -36.98
N ASN B 274 -4.09 -3.02 -35.89
CA ASN B 274 -5.32 -2.29 -35.99
C ASN B 274 -5.21 -0.79 -35.87
N HIS B 275 -4.13 -0.29 -35.30
CA HIS B 275 -3.97 1.15 -35.17
C HIS B 275 -2.61 1.70 -35.57
N GLY B 276 -1.67 0.82 -35.84
CA GLY B 276 -0.33 1.20 -36.19
C GLY B 276 0.25 0.99 -37.56
N PRO B 277 1.54 0.73 -37.57
CA PRO B 277 2.33 0.51 -38.76
C PRO B 277 1.85 -0.71 -39.48
N GLY B 278 1.18 -1.59 -38.77
CA GLY B 278 0.69 -2.84 -39.34
C GLY B 278 -0.53 -2.66 -40.24
N MET B 279 -0.96 -1.42 -40.41
CA MET B 279 -2.18 -1.12 -41.14
C MET B 279 -2.01 -1.04 -42.66
N ALA B 280 -3.12 -1.27 -43.35
CA ALA B 280 -3.14 -1.22 -44.79
C ALA B 280 -3.14 0.23 -45.20
N MET B 281 -2.44 0.52 -46.28
CA MET B 281 -2.35 1.86 -46.80
C MET B 281 -2.47 1.87 -48.30
N ASN B 282 -3.11 2.91 -48.80
CA ASN B 282 -3.29 3.10 -50.22
C ASN B 282 -2.25 4.13 -50.57
N TRP B 283 -1.06 3.67 -50.91
CA TRP B 283 0.02 4.57 -51.24
C TRP B 283 -0.46 5.39 -52.40
N PRO B 284 -0.14 6.67 -52.39
CA PRO B 284 -0.73 7.59 -53.35
C PRO B 284 -0.51 7.20 -54.77
N GLN B 285 -1.56 7.38 -55.55
CA GLN B 285 -1.53 7.05 -56.95
C GLN B 285 -2.02 8.18 -57.82
N PHE B 286 -1.77 8.01 -59.10
CA PHE B 286 -2.07 8.99 -60.10
C PHE B 286 -3.47 8.77 -60.56
N GLU B 287 -4.32 9.75 -60.36
CA GLU B 287 -5.70 9.62 -60.79
C GLU B 287 -5.95 10.55 -61.95
N GLU B 288 -6.26 9.94 -63.08
CA GLU B 288 -6.56 10.64 -64.30
C GLU B 288 -7.94 11.27 -64.19
N TRP B 289 -8.20 12.33 -64.96
CA TRP B 289 -9.51 12.96 -64.94
C TRP B 289 -9.48 14.33 -64.26
N ASP C 1 10.85 -11.90 42.87
CA ASP C 1 11.45 -11.74 41.50
C ASP C 1 11.94 -13.05 40.83
N SER C 2 11.92 -14.18 41.53
CA SER C 2 12.30 -15.45 40.90
C SER C 2 11.12 -16.14 40.19
N PHE C 3 11.42 -17.03 39.26
CA PHE C 3 10.42 -17.77 38.50
C PHE C 3 9.39 -18.52 39.31
N TRP C 4 9.87 -19.18 40.35
CA TRP C 4 9.08 -20.00 41.24
C TRP C 4 8.04 -19.33 42.09
N GLU C 5 8.17 -18.04 42.29
CA GLU C 5 7.22 -17.32 43.10
C GLU C 5 5.89 -17.26 42.39
N VAL C 6 4.81 -17.35 43.12
CA VAL C 6 3.53 -17.34 42.49
C VAL C 6 3.36 -16.19 41.53
N GLY C 7 2.92 -16.56 40.34
CA GLY C 7 2.66 -15.65 39.26
C GLY C 7 3.85 -15.14 38.51
N ASN C 8 5.04 -15.55 38.90
CA ASN C 8 6.24 -15.11 38.22
C ASN C 8 6.38 -15.63 36.83
N TYR C 9 5.60 -16.65 36.56
CA TYR C 9 5.53 -17.27 35.27
C TYR C 9 5.09 -16.29 34.16
N LYS C 10 4.61 -15.12 34.52
CA LYS C 10 4.09 -14.19 33.55
C LYS C 10 5.07 -13.72 32.50
N ARG C 11 6.35 -13.76 32.82
CA ARG C 11 7.41 -13.28 31.95
C ARG C 11 7.61 -14.19 30.75
N THR C 12 7.43 -15.48 30.97
CA THR C 12 7.54 -16.49 29.96
C THR C 12 6.36 -16.42 29.05
N VAL C 13 5.22 -16.10 29.64
CA VAL C 13 4.00 -16.03 28.90
C VAL C 13 4.11 -14.80 28.04
N LYS C 14 4.80 -13.81 28.57
CA LYS C 14 4.95 -12.60 27.85
C LYS C 14 5.81 -12.88 26.66
N ARG C 15 6.67 -13.88 26.71
CA ARG C 15 7.55 -13.96 25.56
C ARG C 15 6.82 -14.47 24.34
N ILE C 16 5.66 -15.04 24.50
CA ILE C 16 4.73 -15.35 23.41
C ILE C 16 4.16 -14.16 22.65
N ASP C 17 3.47 -13.26 23.34
CA ASP C 17 2.93 -12.08 22.70
C ASP C 17 4.03 -11.34 22.01
N ASP C 18 5.19 -11.34 22.62
CA ASP C 18 6.33 -10.61 22.13
C ASP C 18 6.97 -11.14 20.87
N GLY C 19 6.79 -12.41 20.58
CA GLY C 19 7.34 -13.02 19.39
C GLY C 19 6.58 -12.60 18.18
N HIS C 20 5.31 -12.31 18.39
CA HIS C 20 4.45 -11.79 17.36
C HIS C 20 4.88 -10.38 16.98
N ARG C 21 5.14 -9.58 17.98
CA ARG C 21 5.59 -8.23 17.80
C ARG C 21 6.96 -8.22 17.15
N LEU C 22 7.84 -9.15 17.51
CA LEU C 22 9.14 -9.25 16.90
C LEU C 22 9.02 -9.58 15.42
N CYS C 23 8.04 -10.44 15.09
CA CYS C 23 7.79 -10.82 13.69
C CYS C 23 7.39 -9.55 12.92
N SER C 24 6.49 -8.77 13.50
CA SER C 24 6.06 -7.53 12.91
C SER C 24 7.18 -6.50 12.78
N ASP C 25 8.00 -6.40 13.79
CA ASP C 25 9.06 -5.42 13.82
C ASP C 25 10.09 -5.73 12.79
N LEU C 26 10.37 -7.00 12.59
CA LEU C 26 11.36 -7.37 11.62
C LEU C 26 10.82 -7.10 10.23
N MET C 27 9.56 -7.39 10.05
CA MET C 27 8.96 -7.12 8.79
C MET C 27 9.08 -5.64 8.50
N ASN C 28 8.85 -4.83 9.51
CA ASN C 28 8.90 -3.40 9.38
C ASN C 28 10.26 -2.94 8.98
N CYS C 29 11.27 -3.47 9.63
CA CYS C 29 12.67 -3.22 9.36
C CYS C 29 13.07 -3.41 7.89
N LEU C 30 12.70 -4.57 7.38
CA LEU C 30 13.00 -4.99 6.03
C LEU C 30 12.30 -4.15 5.01
N HIS C 31 11.08 -3.77 5.30
CA HIS C 31 10.30 -2.94 4.43
C HIS C 31 10.88 -1.55 4.28
N GLU C 32 11.42 -1.03 5.35
CA GLU C 32 12.05 0.24 5.36
C GLU C 32 13.33 0.14 4.60
N ARG C 33 14.03 -0.96 4.75
CA ARG C 33 15.26 -1.17 4.03
C ARG C 33 14.95 -1.21 2.55
N ALA C 34 13.82 -1.81 2.19
CA ALA C 34 13.35 -1.93 0.83
C ALA C 34 13.09 -0.54 0.27
N ARG C 35 12.37 0.27 1.02
CA ARG C 35 12.11 1.62 0.60
C ARG C 35 13.40 2.36 0.34
N ILE C 36 14.39 2.18 1.20
CA ILE C 36 15.69 2.80 1.02
C ILE C 36 16.29 2.44 -0.33
N GLU C 37 16.37 1.15 -0.62
CA GLU C 37 16.90 0.67 -1.88
C GLU C 37 16.16 1.15 -3.10
N LYS C 38 14.85 1.26 -2.96
CA LYS C 38 14.01 1.66 -4.04
C LYS C 38 14.20 3.11 -4.32
N ALA C 39 14.54 3.85 -3.28
CA ALA C 39 14.79 5.26 -3.40
C ALA C 39 16.09 5.47 -4.10
N TYR C 40 17.08 4.64 -3.78
CA TYR C 40 18.35 4.80 -4.43
C TYR C 40 18.20 4.56 -5.90
N ALA C 41 17.46 3.52 -6.22
CA ALA C 41 17.18 3.07 -7.55
C ALA C 41 16.55 4.17 -8.38
N GLN C 42 15.47 4.75 -7.91
CA GLN C 42 14.83 5.82 -8.66
C GLN C 42 15.69 7.04 -8.84
N GLN C 43 16.48 7.42 -7.84
CA GLN C 43 17.32 8.60 -8.01
C GLN C 43 18.24 8.35 -9.17
N LEU C 44 18.77 7.15 -9.23
CA LEU C 44 19.66 6.73 -10.29
C LEU C 44 18.96 6.79 -11.64
N THR C 45 17.75 6.25 -11.71
CA THR C 45 16.97 6.26 -12.93
C THR C 45 16.82 7.68 -13.41
N GLU C 46 16.45 8.56 -12.50
CA GLU C 46 16.25 9.96 -12.82
C GLU C 46 17.49 10.67 -13.31
N TRP C 47 18.63 10.34 -12.72
CA TRP C 47 19.89 10.92 -13.09
C TRP C 47 20.19 10.49 -14.48
N ALA C 48 19.95 9.23 -14.76
CA ALA C 48 20.19 8.65 -16.07
C ALA C 48 19.40 9.28 -17.19
N ARG C 49 18.18 9.64 -16.91
CA ARG C 49 17.31 10.26 -17.87
C ARG C 49 17.76 11.68 -18.22
N ARG C 50 17.95 12.45 -17.16
CA ARG C 50 18.39 13.80 -17.19
C ARG C 50 19.57 13.90 -18.07
N TRP C 51 20.57 13.12 -17.70
CA TRP C 51 21.81 13.12 -18.42
C TRP C 51 21.84 12.46 -19.76
N ARG C 52 21.00 11.49 -20.00
CA ARG C 52 21.06 10.94 -21.31
C ARG C 52 20.63 12.09 -22.17
N GLN C 53 19.61 12.83 -21.74
CA GLN C 53 19.18 13.94 -22.56
C GLN C 53 20.13 15.13 -22.60
N LEU C 54 20.78 15.41 -21.51
CA LEU C 54 21.66 16.54 -21.53
C LEU C 54 22.84 16.30 -22.37
N VAL C 55 23.29 15.07 -22.46
CA VAL C 55 24.44 14.82 -23.26
C VAL C 55 23.99 14.94 -24.69
N GLU C 56 22.85 14.35 -24.97
CA GLU C 56 22.24 14.33 -26.27
C GLU C 56 21.94 15.67 -26.89
N LYS C 57 21.38 16.59 -26.14
CA LYS C 57 21.05 17.88 -26.70
C LYS C 57 22.17 18.90 -26.73
N GLY C 58 23.28 18.60 -26.06
CA GLY C 58 24.43 19.46 -26.01
C GLY C 58 25.51 19.15 -27.02
N PRO C 59 26.60 19.89 -26.98
CA PRO C 59 27.62 19.85 -28.03
C PRO C 59 28.64 18.71 -28.11
N GLN C 60 28.43 17.59 -27.44
CA GLN C 60 29.35 16.47 -27.57
C GLN C 60 28.75 15.45 -28.50
N TYR C 61 29.56 14.90 -29.39
CA TYR C 61 29.18 13.93 -30.38
C TYR C 61 30.33 12.95 -30.50
N GLY C 62 30.22 11.93 -31.33
CA GLY C 62 31.28 10.98 -31.50
C GLY C 62 31.41 9.83 -30.51
N THR C 63 32.59 9.26 -30.45
CA THR C 63 32.86 8.14 -29.58
C THR C 63 32.97 8.60 -28.14
N VAL C 64 33.19 9.87 -27.96
CA VAL C 64 33.28 10.44 -26.63
C VAL C 64 31.89 10.68 -26.12
N GLU C 65 30.95 10.97 -27.02
CA GLU C 65 29.58 11.08 -26.60
C GLU C 65 29.06 9.70 -26.16
N LYS C 66 29.41 8.66 -26.91
CA LYS C 66 29.00 7.31 -26.60
C LYS C 66 29.59 6.90 -25.23
N ALA C 67 30.88 7.18 -25.05
CA ALA C 67 31.57 6.90 -23.80
C ALA C 67 30.86 7.53 -22.60
N TRP C 68 30.61 8.83 -22.64
CA TRP C 68 29.84 9.49 -21.61
C TRP C 68 28.51 8.81 -21.43
N MET C 69 27.81 8.56 -22.51
CA MET C 69 26.47 8.02 -22.45
C MET C 69 26.36 6.59 -21.89
N ALA C 70 27.49 5.91 -21.78
CA ALA C 70 27.50 4.56 -21.29
C ALA C 70 27.26 4.57 -19.82
N PHE C 71 27.51 5.73 -19.23
CA PHE C 71 27.33 5.95 -17.83
C PHE C 71 25.91 5.99 -17.43
N MET C 72 25.06 6.43 -18.31
CA MET C 72 23.68 6.47 -17.98
C MET C 72 23.17 5.06 -17.95
N SER C 73 23.79 4.20 -18.76
CA SER C 73 23.47 2.80 -18.82
C SER C 73 23.85 2.18 -17.49
N GLU C 74 25.03 2.41 -16.93
CA GLU C 74 25.26 1.86 -15.61
C GLU C 74 24.26 2.29 -14.54
N ALA C 75 23.86 3.53 -14.49
CA ALA C 75 22.97 3.98 -13.43
C ALA C 75 21.63 3.33 -13.54
N GLU C 76 21.35 2.87 -14.74
CA GLU C 76 20.17 2.12 -15.06
C GLU C 76 20.29 0.66 -14.73
N ARG C 77 21.46 0.08 -14.85
CA ARG C 77 21.62 -1.33 -14.58
C ARG C 77 21.74 -1.58 -13.08
N VAL C 78 22.18 -0.56 -12.37
CA VAL C 78 22.41 -0.60 -10.95
C VAL C 78 21.11 -0.44 -10.24
N SER C 79 20.23 0.32 -10.85
CA SER C 79 18.90 0.57 -10.36
C SER C 79 18.10 -0.71 -10.47
N GLU C 80 18.25 -1.40 -11.59
CA GLU C 80 17.54 -2.63 -11.83
C GLU C 80 17.91 -3.70 -10.80
N LEU C 81 19.18 -3.76 -10.45
CA LEU C 81 19.68 -4.68 -9.45
C LEU C 81 19.17 -4.33 -8.08
N HIS C 82 19.01 -3.05 -7.83
CA HIS C 82 18.53 -2.53 -6.56
C HIS C 82 17.02 -2.60 -6.49
N LEU C 83 16.36 -2.94 -7.57
CA LEU C 83 14.94 -3.07 -7.49
C LEU C 83 14.73 -4.55 -7.33
N GLU C 84 15.76 -5.30 -7.63
CA GLU C 84 15.74 -6.72 -7.52
C GLU C 84 15.99 -7.10 -6.08
N VAL C 85 16.84 -6.35 -5.41
CA VAL C 85 17.04 -6.52 -3.99
C VAL C 85 15.70 -6.28 -3.34
N LYS C 86 15.12 -5.13 -3.66
CA LYS C 86 13.90 -4.67 -3.04
C LYS C 86 12.75 -5.64 -3.25
N ALA C 87 12.58 -6.11 -4.49
CA ALA C 87 11.57 -7.12 -4.82
C ALA C 87 11.71 -8.35 -3.95
N SER C 88 12.92 -8.87 -3.79
CA SER C 88 13.16 -9.99 -2.94
C SER C 88 12.82 -9.67 -1.52
N LEU C 89 13.31 -8.55 -0.99
CA LEU C 89 13.05 -8.28 0.41
C LEU C 89 11.57 -8.29 0.65
N MET C 90 10.78 -7.82 -0.32
CA MET C 90 9.34 -7.75 -0.15
C MET C 90 8.65 -9.01 -0.60
N ASN C 91 8.97 -9.50 -1.79
CA ASN C 91 8.20 -10.60 -2.35
C ASN C 91 8.40 -11.83 -1.55
N ASP C 92 9.65 -12.11 -1.16
CA ASP C 92 9.98 -13.31 -0.37
C ASP C 92 10.21 -13.24 1.15
N ASP C 93 11.05 -12.34 1.65
CA ASP C 93 11.26 -12.29 3.11
C ASP C 93 10.07 -11.72 3.86
N PHE C 94 9.63 -10.52 3.48
CA PHE C 94 8.48 -9.91 4.16
C PHE C 94 7.32 -10.88 4.15
N GLU C 95 7.01 -11.49 3.00
CA GLU C 95 5.91 -12.47 2.91
C GLU C 95 6.18 -13.73 3.72
N LYS C 96 7.38 -14.29 3.66
CA LYS C 96 7.66 -15.46 4.45
C LYS C 96 7.26 -15.22 5.93
N ILE C 97 7.77 -14.15 6.51
CA ILE C 97 7.43 -13.75 7.88
C ILE C 97 5.93 -13.50 8.00
N LYS C 98 5.37 -12.70 7.08
CA LYS C 98 3.98 -12.31 7.25
C LYS C 98 3.08 -13.54 7.34
N ASN C 99 3.50 -14.62 6.68
CA ASN C 99 2.76 -15.88 6.68
C ASN C 99 3.10 -16.68 7.88
N TRP C 100 4.40 -16.76 8.18
CA TRP C 100 4.84 -17.48 9.33
C TRP C 100 4.14 -16.96 10.58
N GLN C 101 4.00 -15.65 10.70
CA GLN C 101 3.38 -15.05 11.89
C GLN C 101 1.92 -15.50 11.99
N LYS C 102 1.26 -15.60 10.84
CA LYS C 102 -0.18 -15.86 10.76
C LYS C 102 -0.54 -17.31 11.11
N GLU C 103 0.36 -18.23 10.76
CA GLU C 103 0.27 -19.66 11.06
C GLU C 103 0.65 -19.99 12.50
N ALA C 104 1.61 -19.28 13.05
CA ALA C 104 2.07 -19.51 14.42
C ALA C 104 1.18 -18.91 15.49
N PHE C 105 0.47 -17.85 15.17
CA PHE C 105 -0.26 -17.10 16.16
C PHE C 105 -1.67 -16.96 15.71
N HIS C 106 -2.61 -17.28 16.58
CA HIS C 106 -4.04 -17.20 16.27
C HIS C 106 -4.88 -16.36 17.19
N LYS C 107 -5.82 -15.66 16.59
CA LYS C 107 -6.76 -14.80 17.28
C LYS C 107 -7.76 -15.64 18.03
N GLN C 108 -8.24 -15.08 19.12
CA GLN C 108 -9.18 -15.73 19.96
C GLN C 108 -10.44 -14.87 19.88
N MET C 109 -11.59 -15.43 20.18
CA MET C 109 -12.81 -14.66 20.11
C MET C 109 -12.93 -13.72 21.29
N MET C 110 -11.88 -13.61 22.07
CA MET C 110 -11.93 -12.72 23.20
C MET C 110 -10.78 -11.74 23.08
N GLY C 111 -9.81 -12.03 22.20
CA GLY C 111 -8.65 -11.20 21.95
C GLY C 111 -7.30 -11.76 22.24
N GLY C 112 -6.24 -11.38 21.57
CA GLY C 112 -4.99 -11.96 21.95
C GLY C 112 -4.79 -13.28 21.29
N PHE C 113 -3.82 -14.02 21.77
CA PHE C 113 -3.52 -15.29 21.19
C PHE C 113 -3.94 -16.51 21.94
N LYS C 114 -4.45 -17.47 21.18
CA LYS C 114 -4.91 -18.72 21.70
C LYS C 114 -3.71 -19.33 22.36
N GLU C 115 -2.55 -19.13 21.77
CA GLU C 115 -1.26 -19.61 22.21
C GLU C 115 -0.82 -19.06 23.53
N THR C 116 -1.03 -17.78 23.73
CA THR C 116 -0.65 -17.14 24.95
C THR C 116 -1.57 -17.55 26.06
N LYS C 117 -2.83 -17.74 25.73
CA LYS C 117 -3.78 -18.12 26.72
C LYS C 117 -3.50 -19.53 27.14
N GLU C 118 -3.21 -20.36 26.17
CA GLU C 118 -2.92 -21.75 26.41
C GLU C 118 -1.83 -21.89 27.46
N ALA C 119 -0.84 -21.04 27.39
CA ALA C 119 0.25 -21.05 28.31
C ALA C 119 -0.11 -20.54 29.68
N GLU C 120 -0.94 -19.52 29.72
CA GLU C 120 -1.39 -18.91 30.95
C GLU C 120 -2.30 -19.84 31.71
N ASP C 121 -3.11 -20.60 30.99
CA ASP C 121 -4.06 -21.50 31.56
C ASP C 121 -3.28 -22.68 31.98
N GLY C 122 -2.16 -22.86 31.34
CA GLY C 122 -1.31 -23.99 31.63
C GLY C 122 -0.55 -23.85 32.94
N PHE C 123 -0.07 -22.64 33.20
CA PHE C 123 0.68 -22.37 34.40
C PHE C 123 -0.29 -22.33 35.56
N ARG C 124 -1.38 -21.59 35.42
CA ARG C 124 -2.42 -21.64 36.43
C ARG C 124 -2.69 -23.04 36.93
N LYS C 125 -2.95 -23.98 36.05
CA LYS C 125 -3.31 -25.29 36.51
C LYS C 125 -2.15 -25.79 37.29
N ALA C 126 -0.98 -25.72 36.70
CA ALA C 126 0.18 -26.29 37.31
C ALA C 126 0.46 -25.69 38.68
N GLN C 127 0.00 -24.47 38.89
CA GLN C 127 0.23 -23.75 40.14
C GLN C 127 -0.88 -23.67 41.19
N LYS C 128 -2.13 -23.86 40.79
CA LYS C 128 -3.25 -23.79 41.72
C LYS C 128 -3.08 -24.50 43.03
N PRO C 129 -2.73 -25.77 42.96
CA PRO C 129 -2.56 -26.60 44.13
C PRO C 129 -1.54 -26.07 45.13
N TRP C 130 -0.42 -25.60 44.64
CA TRP C 130 0.65 -25.08 45.47
C TRP C 130 0.48 -23.65 45.92
N ALA C 131 -0.23 -22.85 45.15
CA ALA C 131 -0.42 -21.46 45.49
C ALA C 131 -1.42 -21.34 46.62
N LYS C 132 -2.31 -22.31 46.68
CA LYS C 132 -3.26 -22.45 47.76
C LYS C 132 -2.59 -22.78 49.09
N LYS C 133 -1.73 -23.78 49.08
CA LYS C 133 -1.02 -24.16 50.27
C LYS C 133 -0.19 -22.98 50.75
N LEU C 134 0.42 -22.27 49.83
CA LEU C 134 1.25 -21.12 50.17
C LEU C 134 0.41 -20.05 50.82
N LYS C 135 -0.80 -19.89 50.34
CA LYS C 135 -1.69 -18.90 50.89
C LYS C 135 -1.95 -19.25 52.34
N GLU C 136 -2.14 -20.53 52.60
CA GLU C 136 -2.39 -21.05 53.92
C GLU C 136 -1.24 -20.80 54.85
N VAL C 137 -0.03 -21.01 54.34
CA VAL C 137 1.16 -20.79 55.14
C VAL C 137 1.24 -19.33 55.48
N GLU C 138 0.91 -18.46 54.55
CA GLU C 138 0.97 -17.04 54.82
C GLU C 138 -0.05 -16.68 55.87
N ALA C 139 -1.21 -17.32 55.82
CA ALA C 139 -2.24 -17.03 56.79
C ALA C 139 -1.71 -17.40 58.16
N ALA C 140 -1.01 -18.51 58.21
CA ALA C 140 -0.42 -19.02 59.42
C ALA C 140 0.55 -17.98 59.93
N LYS C 141 1.28 -17.36 59.02
CA LYS C 141 2.22 -16.32 59.39
C LYS C 141 1.45 -15.19 60.05
N LYS C 142 0.27 -14.90 59.50
CA LYS C 142 -0.64 -13.88 59.96
C LYS C 142 -1.05 -14.17 61.40
N ALA C 143 -1.39 -15.42 61.66
CA ALA C 143 -1.77 -15.90 62.96
C ALA C 143 -0.68 -15.97 64.01
N HIS C 144 0.31 -16.79 63.76
CA HIS C 144 1.39 -16.95 64.71
C HIS C 144 2.25 -15.75 65.00
N HIS C 145 2.48 -14.91 64.01
CA HIS C 145 3.31 -13.75 64.27
C HIS C 145 2.51 -12.80 65.10
N ALA C 146 1.20 -12.85 64.94
CA ALA C 146 0.31 -12.00 65.72
C ALA C 146 0.28 -12.44 67.18
N ALA C 147 0.46 -13.73 67.40
CA ALA C 147 0.43 -14.26 68.76
C ALA C 147 1.75 -14.05 69.48
N CYS C 148 2.84 -14.00 68.73
CA CYS C 148 4.14 -13.75 69.32
C CYS C 148 4.08 -12.35 69.92
N LYS C 149 3.66 -11.42 69.09
CA LYS C 149 3.52 -10.05 69.51
C LYS C 149 2.44 -9.91 70.57
N GLU C 150 1.43 -10.77 70.52
CA GLU C 150 0.38 -10.72 71.51
C GLU C 150 0.95 -11.00 72.87
N GLU C 151 1.80 -12.02 72.94
CA GLU C 151 2.41 -12.37 74.22
C GLU C 151 3.27 -11.25 74.75
N LYS C 152 4.06 -10.65 73.88
CA LYS C 152 4.93 -9.56 74.31
C LYS C 152 4.10 -8.38 74.79
N LEU C 153 3.02 -8.09 74.10
CA LEU C 153 2.19 -6.97 74.50
C LEU C 153 1.65 -7.24 75.88
N ALA C 154 1.23 -8.47 76.13
CA ALA C 154 0.69 -8.85 77.42
C ALA C 154 1.75 -8.71 78.49
N ILE C 155 2.98 -9.11 78.19
CA ILE C 155 4.02 -9.02 79.19
C ILE C 155 4.20 -7.57 79.57
N SER C 156 4.29 -6.72 78.58
CA SER C 156 4.45 -5.32 78.89
C SER C 156 3.22 -4.85 79.61
N ARG C 157 2.05 -5.27 79.19
CA ARG C 157 0.89 -4.72 79.82
C ARG C 157 0.99 -5.01 81.30
N GLU C 158 1.25 -6.26 81.63
CA GLU C 158 1.27 -6.61 83.01
C GLU C 158 2.35 -5.88 83.76
N ALA C 159 3.58 -5.94 83.30
CA ALA C 159 4.57 -5.32 84.16
C ALA C 159 4.30 -3.86 84.30
N ASN C 160 3.99 -3.29 83.15
CA ASN C 160 3.85 -1.88 83.00
C ASN C 160 2.78 -1.25 83.83
N SER C 161 1.62 -1.86 83.94
CA SER C 161 0.67 -1.09 84.73
C SER C 161 0.53 -1.80 86.04
N LYS C 162 1.10 -2.98 86.02
CA LYS C 162 1.05 -3.91 87.12
C LYS C 162 2.28 -3.83 87.99
N ALA C 163 3.32 -3.17 87.55
CA ALA C 163 4.42 -3.11 88.50
C ALA C 163 4.36 -1.83 89.32
N ASP C 164 3.92 -0.74 88.70
CA ASP C 164 3.84 0.55 89.36
C ASP C 164 2.51 1.22 89.06
N PRO C 165 1.45 0.69 89.64
CA PRO C 165 0.12 1.23 89.47
C PRO C 165 -0.41 1.36 90.88
N SER C 166 -1.54 2.00 91.08
CA SER C 166 -2.00 2.17 92.44
C SER C 166 -2.18 0.81 93.07
N ASN C 168 -4.46 -3.34 93.05
CA ASN C 168 -5.57 -4.22 92.71
C ASN C 168 -5.34 -5.69 93.06
N GLU C 170 -7.55 -9.72 92.05
CA GLU C 170 -8.19 -10.27 90.88
C GLU C 170 -7.62 -9.64 89.63
N GLN C 171 -7.08 -8.43 89.75
CA GLN C 171 -6.52 -7.75 88.60
C GLN C 171 -5.30 -8.47 88.05
N LEU C 172 -4.36 -8.80 88.93
CA LEU C 172 -3.18 -9.50 88.48
C LEU C 172 -3.61 -10.90 88.11
N LYS C 173 -4.72 -11.34 88.68
CA LYS C 173 -5.19 -12.65 88.32
C LYS C 173 -5.31 -12.52 86.81
N LYS C 174 -6.25 -11.68 86.42
CA LYS C 174 -6.48 -11.43 85.02
C LYS C 174 -5.17 -11.39 84.22
N LEU C 175 -4.24 -10.54 84.62
CA LEU C 175 -2.95 -10.41 83.89
C LEU C 175 -2.05 -11.65 83.67
N GLN C 176 -1.75 -12.41 84.72
CA GLN C 176 -0.89 -13.57 84.48
C GLN C 176 -1.65 -14.56 83.62
N ASP C 177 -2.96 -14.56 83.79
CA ASP C 177 -3.84 -15.43 83.03
C ASP C 177 -3.61 -15.18 81.55
N LYS C 178 -3.48 -13.91 81.19
CA LYS C 178 -3.26 -13.52 79.81
C LYS C 178 -2.00 -14.12 79.27
N ILE C 179 -0.93 -14.04 80.03
CA ILE C 179 0.32 -14.59 79.60
C ILE C 179 0.15 -16.07 79.32
N GLU C 180 -0.52 -16.79 80.21
CA GLU C 180 -0.68 -18.22 79.95
C GLU C 180 -1.53 -18.54 78.72
N LYS C 181 -2.58 -17.77 78.50
CA LYS C 181 -3.44 -17.97 77.35
C LYS C 181 -2.63 -17.74 76.10
N CYS C 182 -1.73 -16.77 76.19
CA CYS C 182 -0.87 -16.41 75.09
C CYS C 182 0.15 -17.51 74.82
N LYS C 183 0.63 -18.17 75.86
CA LYS C 183 1.57 -19.26 75.65
C LYS C 183 0.80 -20.28 74.87
N GLN C 184 -0.43 -20.48 75.30
CA GLN C 184 -1.31 -21.42 74.65
C GLN C 184 -1.18 -21.11 73.16
N ASP C 185 -1.65 -19.92 72.80
CA ASP C 185 -1.63 -19.46 71.43
C ASP C 185 -0.30 -19.66 70.70
N VAL C 186 0.81 -19.20 71.24
CA VAL C 186 2.04 -19.41 70.52
C VAL C 186 2.25 -20.88 70.22
N LEU C 187 2.32 -21.74 71.23
CA LEU C 187 2.54 -23.14 70.87
C LEU C 187 1.59 -23.63 69.79
N LYS C 188 0.32 -23.33 69.95
CA LYS C 188 -0.66 -23.76 68.97
C LYS C 188 -0.37 -23.29 67.55
N THR C 189 -0.33 -21.98 67.36
CA THR C 189 -0.09 -21.41 66.05
C THR C 189 1.25 -21.82 65.49
N LYS C 190 2.11 -22.31 66.36
CA LYS C 190 3.41 -22.75 65.91
C LYS C 190 3.22 -24.12 65.32
N GLU C 191 2.86 -25.08 66.14
CA GLU C 191 2.70 -26.40 65.59
C GLU C 191 1.87 -26.34 64.32
N LYS C 192 1.06 -25.31 64.13
CA LYS C 192 0.24 -25.27 62.93
C LYS C 192 0.82 -24.67 61.65
N TYR C 193 1.51 -23.57 61.83
CA TYR C 193 2.11 -22.83 60.76
C TYR C 193 3.30 -23.64 60.36
N GLU C 194 3.54 -24.72 61.08
CA GLU C 194 4.72 -25.54 60.76
C GLU C 194 4.31 -26.75 59.96
N LYS C 195 3.14 -27.24 60.29
CA LYS C 195 2.57 -28.36 59.59
C LYS C 195 2.40 -27.90 58.17
N SER C 196 1.97 -26.66 58.01
CA SER C 196 1.79 -26.06 56.71
C SER C 196 3.09 -26.09 55.96
N LEU C 197 4.18 -25.68 56.59
CA LEU C 197 5.45 -25.67 55.89
C LEU C 197 5.80 -27.06 55.41
N LYS C 198 5.55 -28.13 56.14
CA LYS C 198 5.88 -29.44 55.57
C LYS C 198 5.00 -29.85 54.37
N GLU C 199 3.71 -29.67 54.55
CA GLU C 199 2.74 -29.98 53.52
C GLU C 199 3.22 -29.28 52.27
N LEU C 200 3.63 -28.03 52.46
CA LEU C 200 4.15 -27.24 51.37
C LEU C 200 5.29 -27.96 50.67
N ASP C 201 6.23 -28.52 51.41
CA ASP C 201 7.37 -29.22 50.84
C ASP C 201 6.97 -30.32 49.85
N GLN C 202 6.02 -31.13 50.28
CA GLN C 202 5.61 -32.22 49.38
C GLN C 202 4.91 -31.66 48.11
N GLY C 203 4.05 -30.71 48.41
CA GLY C 203 3.35 -30.06 47.33
C GLY C 203 4.36 -29.58 46.32
N THR C 204 5.46 -29.05 46.84
CA THR C 204 6.55 -28.48 46.04
C THR C 204 7.18 -29.43 45.07
N PRO C 205 7.59 -30.61 45.48
CA PRO C 205 8.15 -31.40 44.38
C PRO C 205 7.10 -31.60 43.26
N GLN C 206 5.87 -31.91 43.66
CA GLN C 206 4.90 -32.08 42.54
C GLN C 206 4.82 -30.86 41.62
N TYR C 207 4.67 -29.71 42.27
CA TYR C 207 4.56 -28.42 41.61
C TYR C 207 5.71 -28.13 40.67
N MET C 208 6.92 -28.46 41.09
CA MET C 208 8.06 -28.21 40.27
C MET C 208 7.94 -29.00 38.97
N GLU C 209 7.58 -30.27 39.07
CA GLU C 209 7.44 -31.00 37.80
C GLU C 209 6.35 -30.36 36.94
N ASN C 210 5.20 -30.11 37.53
CA ASN C 210 4.13 -29.49 36.79
C ASN C 210 4.63 -28.31 36.00
N MET C 211 5.33 -27.43 36.69
CA MET C 211 5.85 -26.19 36.15
C MET C 211 6.73 -26.45 34.97
N GLU C 212 7.79 -27.20 35.18
CA GLU C 212 8.69 -27.48 34.09
C GLU C 212 7.93 -27.85 32.88
N GLN C 213 6.96 -28.73 33.07
CA GLN C 213 6.21 -29.25 31.95
C GLN C 213 5.61 -28.22 31.02
N VAL C 214 4.95 -27.21 31.56
CA VAL C 214 4.39 -26.21 30.67
C VAL C 214 5.47 -25.29 30.08
N PHE C 215 6.55 -25.10 30.82
CA PHE C 215 7.66 -24.28 30.44
C PHE C 215 8.41 -24.79 29.24
N GLU C 216 8.65 -26.08 29.17
CA GLU C 216 9.37 -26.59 28.03
C GLU C 216 8.45 -26.55 26.86
N GLN C 217 7.14 -26.56 27.10
CA GLN C 217 6.20 -26.48 26.00
C GLN C 217 6.38 -25.10 25.37
N CYS C 218 6.54 -24.13 26.24
CA CYS C 218 6.77 -22.75 25.86
C CYS C 218 8.10 -22.60 25.13
N GLN C 219 9.13 -23.30 25.58
CA GLN C 219 10.43 -23.25 24.96
C GLN C 219 10.34 -23.87 23.58
N GLN C 220 9.50 -24.88 23.41
CA GLN C 220 9.38 -25.49 22.11
C GLN C 220 8.75 -24.52 21.16
N PHE C 221 7.77 -23.77 21.64
CA PHE C 221 7.15 -22.81 20.75
C PHE C 221 8.20 -21.78 20.40
N GLU C 222 8.98 -21.36 21.39
CA GLU C 222 10.01 -20.38 21.13
C GLU C 222 11.09 -20.85 20.19
N GLU C 223 11.64 -22.03 20.40
CA GLU C 223 12.67 -22.56 19.52
C GLU C 223 12.26 -22.39 18.07
N LYS C 224 11.01 -22.68 17.77
CA LYS C 224 10.48 -22.49 16.43
C LYS C 224 10.73 -21.11 15.83
N ARG C 225 10.43 -20.09 16.61
CA ARG C 225 10.55 -18.73 16.18
C ARG C 225 11.98 -18.32 15.96
N LEU C 226 12.87 -18.79 16.80
CA LEU C 226 14.28 -18.51 16.65
C LEU C 226 14.94 -19.21 15.48
N ARG C 227 14.70 -20.50 15.33
CA ARG C 227 15.17 -21.20 14.16
C ARG C 227 14.71 -20.60 12.84
N PHE C 228 13.46 -20.19 12.79
CA PHE C 228 12.88 -19.45 11.66
C PHE C 228 13.57 -18.11 11.40
N PHE C 229 13.89 -17.38 12.46
CA PHE C 229 14.54 -16.08 12.36
C PHE C 229 15.88 -16.24 11.72
N ARG C 230 16.65 -17.20 12.19
CA ARG C 230 17.97 -17.51 11.64
C ARG C 230 17.79 -17.88 10.20
N GLU C 231 16.72 -18.59 9.89
CA GLU C 231 16.53 -19.13 8.57
C GLU C 231 16.34 -17.99 7.61
N VAL C 232 15.43 -17.08 7.95
CA VAL C 232 15.02 -15.99 7.05
C VAL C 232 16.12 -14.93 6.90
N LEU C 233 16.81 -14.65 8.00
CA LEU C 233 17.92 -13.73 7.95
C LEU C 233 19.06 -14.26 7.09
N LEU C 234 19.21 -15.57 7.00
CA LEU C 234 20.27 -16.07 6.17
C LEU C 234 19.87 -15.74 4.75
N GLU C 235 18.58 -15.87 4.47
CA GLU C 235 18.03 -15.56 3.17
C GLU C 235 18.02 -14.06 2.89
N VAL C 236 17.75 -13.24 3.89
CA VAL C 236 17.86 -11.79 3.70
C VAL C 236 19.27 -11.46 3.26
N GLN C 237 20.27 -11.88 4.04
CA GLN C 237 21.70 -11.72 3.66
C GLN C 237 21.98 -11.93 2.18
N LYS C 238 21.47 -13.02 1.64
CA LYS C 238 21.70 -13.36 0.23
C LYS C 238 21.09 -12.29 -0.69
N HIS C 239 19.85 -11.90 -0.41
CA HIS C 239 19.22 -10.86 -1.19
C HIS C 239 19.96 -9.52 -1.13
N LEU C 240 20.45 -9.09 0.03
CA LEU C 240 21.18 -7.81 0.07
C LEU C 240 22.54 -7.83 -0.64
N ASP C 241 23.16 -9.02 -0.69
CA ASP C 241 24.54 -9.17 -1.17
C ASP C 241 24.72 -9.02 -2.70
N LEU C 242 25.43 -7.98 -3.12
CA LEU C 242 25.71 -7.73 -4.51
C LEU C 242 27.22 -7.79 -4.71
N SER C 243 27.97 -8.06 -3.67
CA SER C 243 29.42 -8.15 -3.72
C SER C 243 29.86 -9.34 -4.51
N ASN C 244 28.98 -10.31 -4.52
CA ASN C 244 29.18 -11.56 -5.21
C ASN C 244 28.26 -11.83 -6.39
N VAL C 245 27.75 -10.79 -7.02
CA VAL C 245 26.87 -10.92 -8.16
C VAL C 245 27.64 -10.58 -9.41
N ALA C 246 27.82 -11.55 -10.28
CA ALA C 246 28.54 -11.40 -11.53
C ALA C 246 27.81 -10.37 -12.33
N GLY C 247 26.52 -10.34 -12.20
CA GLY C 247 25.71 -9.38 -12.91
C GLY C 247 26.27 -7.99 -12.81
N TYR C 248 26.74 -7.62 -11.65
CA TYR C 248 27.03 -6.26 -11.25
C TYR C 248 28.40 -5.82 -11.74
N LYS C 249 29.35 -6.72 -11.65
CA LYS C 249 30.67 -6.43 -12.15
C LYS C 249 30.71 -6.44 -13.68
N ALA C 250 29.70 -7.01 -14.30
CA ALA C 250 29.62 -7.03 -15.73
C ALA C 250 29.25 -5.66 -16.22
N ILE C 251 28.49 -4.96 -15.41
CA ILE C 251 28.06 -3.63 -15.68
C ILE C 251 29.29 -2.80 -15.92
N TYR C 252 30.22 -2.89 -14.99
CA TYR C 252 31.42 -2.14 -15.09
C TYR C 252 32.40 -2.61 -16.15
N HIS C 253 32.56 -3.90 -16.34
CA HIS C 253 33.41 -4.35 -17.41
C HIS C 253 32.94 -3.68 -18.66
N ASP C 254 31.64 -3.75 -18.86
CA ASP C 254 30.98 -3.21 -20.01
C ASP C 254 31.15 -1.73 -20.16
N LEU C 255 30.85 -0.99 -19.11
CA LEU C 255 31.00 0.45 -19.08
C LEU C 255 32.37 0.85 -19.52
N GLU C 256 33.35 0.25 -18.89
CA GLU C 256 34.72 0.50 -19.16
C GLU C 256 35.07 0.34 -20.60
N GLN C 257 34.63 -0.76 -21.19
CA GLN C 257 34.94 -1.08 -22.56
C GLN C 257 34.35 -0.09 -23.50
N SER C 258 33.20 0.43 -23.11
CA SER C 258 32.59 1.49 -23.87
C SER C 258 33.42 2.76 -23.82
N ILE C 259 34.00 3.06 -22.68
CA ILE C 259 34.82 4.25 -22.54
C ILE C 259 36.13 4.24 -23.35
N ARG C 260 36.62 3.07 -23.65
CA ARG C 260 37.83 2.88 -24.40
C ARG C 260 37.60 2.93 -25.90
N ALA C 261 36.35 2.79 -26.31
CA ALA C 261 35.96 3.00 -27.66
C ALA C 261 36.03 4.46 -28.07
N ALA C 262 35.98 5.35 -27.12
CA ALA C 262 36.40 6.72 -27.34
C ALA C 262 37.72 6.85 -28.06
N ASP C 263 37.64 7.42 -29.26
CA ASP C 263 38.74 7.51 -30.23
C ASP C 263 38.82 8.97 -30.71
N ALA C 264 39.79 9.70 -30.20
CA ALA C 264 39.86 11.13 -30.44
C ALA C 264 40.15 11.47 -31.87
N VAL C 265 40.92 10.61 -32.52
CA VAL C 265 41.38 10.86 -33.86
C VAL C 265 40.29 10.71 -34.88
N GLU C 266 39.44 9.69 -34.83
CA GLU C 266 38.39 9.63 -35.85
C GLU C 266 37.20 10.44 -35.43
N ASP C 267 37.26 11.01 -34.24
CA ASP C 267 36.27 11.97 -33.90
C ASP C 267 36.64 13.27 -34.55
N LEU C 268 37.93 13.49 -34.67
CA LEU C 268 38.46 14.67 -35.32
C LEU C 268 38.58 14.50 -36.82
N ARG C 269 38.81 13.28 -37.29
CA ARG C 269 38.85 13.05 -38.72
C ARG C 269 37.44 13.40 -39.20
N TRP C 270 36.45 13.03 -38.41
CA TRP C 270 35.05 13.29 -38.75
C TRP C 270 34.77 14.77 -38.85
N PHE C 271 35.31 15.54 -37.91
CA PHE C 271 35.11 16.97 -37.91
C PHE C 271 35.76 17.65 -39.10
N ARG C 272 36.95 17.20 -39.48
CA ARG C 272 37.66 17.78 -40.61
C ARG C 272 36.81 17.66 -41.83
N ALA C 273 36.25 16.48 -42.00
CA ALA C 273 35.38 16.15 -43.08
C ALA C 273 34.00 16.81 -43.10
N ASN C 274 33.34 16.93 -41.97
CA ASN C 274 32.04 17.54 -42.04
C ASN C 274 31.89 19.01 -41.67
N HIS C 275 32.90 19.57 -41.04
CA HIS C 275 32.86 20.97 -40.65
C HIS C 275 34.11 21.74 -40.99
N GLY C 276 35.15 21.06 -41.42
CA GLY C 276 36.40 21.69 -41.75
C GLY C 276 36.87 21.61 -43.18
N PRO C 277 38.16 21.82 -43.38
CA PRO C 277 38.76 21.77 -44.72
C PRO C 277 38.24 20.66 -45.60
N GLY C 278 37.99 19.52 -45.02
CA GLY C 278 37.45 18.39 -45.73
C GLY C 278 36.17 18.68 -46.46
N MET C 279 35.47 19.75 -46.11
CA MET C 279 34.30 20.07 -46.92
C MET C 279 34.60 20.51 -48.37
N ALA C 280 33.68 20.24 -49.29
CA ALA C 280 33.81 20.69 -50.66
C ALA C 280 33.36 22.14 -50.80
N MET C 281 34.15 22.92 -51.52
CA MET C 281 33.82 24.30 -51.79
C MET C 281 33.55 24.46 -53.29
N ASN C 282 32.64 25.38 -53.60
CA ASN C 282 32.40 25.85 -54.96
C ASN C 282 33.11 27.20 -55.19
N TRP C 283 34.28 27.10 -55.80
CA TRP C 283 35.08 28.27 -56.07
C TRP C 283 34.45 29.01 -57.22
N PRO C 284 34.65 30.32 -57.20
CA PRO C 284 34.06 31.19 -58.20
C PRO C 284 34.54 30.94 -59.61
N GLN C 285 33.69 31.38 -60.54
CA GLN C 285 33.96 31.39 -61.97
C GLN C 285 33.00 32.41 -62.57
N PHE C 286 33.24 32.87 -63.78
CA PHE C 286 32.41 33.93 -64.35
C PHE C 286 30.93 33.59 -64.56
N GLU C 287 30.06 34.60 -64.47
CA GLU C 287 28.62 34.47 -64.74
C GLU C 287 28.05 35.60 -65.63
N GLU C 288 27.49 35.24 -66.78
CA GLU C 288 26.94 36.22 -67.72
C GLU C 288 25.51 36.72 -67.43
N TRP C 289 25.09 37.76 -68.14
CA TRP C 289 23.71 38.29 -68.04
C TRP C 289 23.61 39.50 -67.13
N ASP D 1 26.71 26.52 -45.17
CA ASP D 1 27.56 26.26 -46.31
C ASP D 1 28.91 25.71 -45.90
N SER D 2 29.79 25.60 -46.89
CA SER D 2 31.14 25.09 -46.72
C SER D 2 32.00 25.93 -45.82
N PHE D 3 33.01 25.30 -45.28
CA PHE D 3 33.97 25.91 -44.39
C PHE D 3 34.91 26.78 -45.15
N TRP D 4 34.84 26.71 -46.45
CA TRP D 4 35.71 27.50 -47.27
C TRP D 4 35.19 28.88 -47.62
N GLU D 5 33.90 29.07 -47.42
CA GLU D 5 33.25 30.32 -47.67
C GLU D 5 33.70 31.26 -46.59
N VAL D 6 33.54 32.56 -46.75
CA VAL D 6 34.02 33.48 -45.72
C VAL D 6 33.27 33.42 -44.42
N GLY D 7 34.04 33.41 -43.34
CA GLY D 7 33.49 33.40 -42.01
C GLY D 7 32.88 32.13 -41.53
N ASN D 8 32.80 31.12 -42.37
CA ASN D 8 32.20 29.87 -42.01
C ASN D 8 33.05 29.07 -41.08
N TYR D 9 34.21 29.57 -40.76
CA TYR D 9 35.12 28.91 -39.88
C TYR D 9 34.58 29.08 -38.48
N LYS D 10 33.53 29.86 -38.37
CA LYS D 10 32.94 30.17 -37.09
C LYS D 10 32.64 29.01 -36.17
N ARG D 11 32.29 27.89 -36.75
CA ARG D 11 31.91 26.67 -36.07
C ARG D 11 33.05 26.00 -35.31
N THR D 12 34.21 26.00 -35.93
CA THR D 12 35.38 25.43 -35.32
C THR D 12 35.84 26.35 -34.22
N VAL D 13 35.55 27.63 -34.34
CA VAL D 13 35.93 28.55 -33.30
C VAL D 13 34.93 28.42 -32.16
N LYS D 14 33.72 28.03 -32.48
CA LYS D 14 32.74 27.86 -31.45
C LYS D 14 33.02 26.57 -30.72
N ARG D 15 33.79 25.70 -31.35
CA ARG D 15 34.16 24.41 -30.78
C ARG D 15 34.88 24.55 -29.42
N ILE D 16 35.68 25.60 -29.33
CA ILE D 16 36.36 26.08 -28.14
C ILE D 16 35.45 26.60 -27.02
N ASP D 17 34.31 27.18 -27.29
CA ASP D 17 33.44 27.62 -26.19
C ASP D 17 32.71 26.40 -25.65
N ASP D 18 32.34 25.56 -26.59
CA ASP D 18 31.66 24.32 -26.37
C ASP D 18 32.48 23.41 -25.49
N GLY D 19 33.77 23.35 -25.73
CA GLY D 19 34.69 22.52 -24.98
C GLY D 19 34.73 22.81 -23.51
N HIS D 20 34.80 24.10 -23.21
CA HIS D 20 34.84 24.59 -21.87
C HIS D 20 33.57 24.28 -21.13
N ARG D 21 32.48 24.51 -21.82
CA ARG D 21 31.15 24.30 -21.32
C ARG D 21 30.93 22.84 -21.11
N LEU D 22 31.60 22.01 -21.88
CA LEU D 22 31.47 20.58 -21.77
C LEU D 22 32.21 20.09 -20.57
N CYS D 23 33.23 20.78 -20.11
CA CYS D 23 33.91 20.30 -18.92
C CYS D 23 33.01 20.50 -17.71
N SER D 24 32.14 21.49 -17.82
CA SER D 24 31.22 21.89 -16.80
C SER D 24 30.06 20.96 -16.68
N ASP D 25 29.45 20.61 -17.79
CA ASP D 25 28.33 19.71 -17.79
C ASP D 25 28.77 18.39 -17.15
N LEU D 26 29.97 17.94 -17.50
CA LEU D 26 30.50 16.72 -16.96
C LEU D 26 30.74 16.86 -15.46
N MET D 27 31.23 18.01 -15.05
CA MET D 27 31.42 18.29 -13.65
C MET D 27 30.10 18.14 -12.90
N ASN D 28 29.04 18.71 -13.43
CA ASN D 28 27.75 18.65 -12.75
C ASN D 28 27.15 17.30 -12.72
N CYS D 29 27.39 16.53 -13.76
CA CYS D 29 26.93 15.16 -13.90
C CYS D 29 27.59 14.33 -12.81
N LEU D 30 28.87 14.57 -12.57
CA LEU D 30 29.56 13.85 -11.55
C LEU D 30 29.09 14.30 -10.20
N HIS D 31 28.87 15.58 -10.08
CA HIS D 31 28.47 16.14 -8.84
C HIS D 31 27.12 15.67 -8.39
N GLU D 32 26.22 15.54 -9.33
CA GLU D 32 24.87 15.20 -9.04
C GLU D 32 24.78 13.76 -8.79
N ARG D 33 25.76 13.03 -9.26
CA ARG D 33 25.82 11.61 -9.04
C ARG D 33 26.31 11.43 -7.63
N ALA D 34 27.24 12.27 -7.24
CA ALA D 34 27.79 12.24 -5.91
C ALA D 34 26.76 12.51 -4.86
N ARG D 35 25.80 13.38 -5.15
CA ARG D 35 24.80 13.68 -4.14
C ARG D 35 23.85 12.52 -4.01
N ILE D 36 23.69 11.78 -5.10
CA ILE D 36 22.86 10.59 -5.07
C ILE D 36 23.45 9.51 -4.17
N GLU D 37 24.74 9.27 -4.26
CA GLU D 37 25.36 8.31 -3.42
C GLU D 37 25.30 8.67 -1.94
N LYS D 38 25.69 9.87 -1.57
CA LYS D 38 25.55 10.32 -0.19
C LYS D 38 24.10 10.31 0.24
N ALA D 39 23.16 10.56 -0.67
CA ALA D 39 21.76 10.48 -0.26
C ALA D 39 21.49 9.08 0.31
N TYR D 40 21.83 8.03 -0.42
CA TYR D 40 21.68 6.64 -0.02
C TYR D 40 22.50 6.21 1.20
N ALA D 41 23.67 6.80 1.39
CA ALA D 41 24.45 6.60 2.56
C ALA D 41 23.76 7.26 3.76
N GLN D 42 23.26 8.48 3.59
CA GLN D 42 22.48 9.12 4.61
C GLN D 42 21.33 8.21 5.00
N GLN D 43 20.48 7.90 4.05
CA GLN D 43 19.38 6.96 4.25
C GLN D 43 19.72 5.70 5.07
N LEU D 44 20.86 5.07 4.77
CA LEU D 44 21.28 3.85 5.46
C LEU D 44 21.79 4.11 6.88
N THR D 45 22.55 5.19 7.13
CA THR D 45 22.93 5.38 8.51
C THR D 45 21.70 5.60 9.35
N GLU D 46 20.69 6.23 8.78
CA GLU D 46 19.48 6.55 9.52
C GLU D 46 18.73 5.30 9.98
N TRP D 47 18.46 4.42 9.04
CA TRP D 47 17.92 3.09 9.28
C TRP D 47 18.69 2.27 10.31
N ALA D 48 19.98 2.17 10.13
CA ALA D 48 20.80 1.45 11.05
C ALA D 48 20.73 2.00 12.44
N ARG D 49 20.83 3.30 12.59
CA ARG D 49 20.73 3.87 13.92
C ARG D 49 19.41 3.52 14.59
N ARG D 50 18.35 3.75 13.85
CA ARG D 50 17.00 3.51 14.30
C ARG D 50 16.73 2.09 14.73
N TRP D 51 17.21 1.16 13.92
CA TRP D 51 17.03 -0.23 14.16
C TRP D 51 17.86 -0.76 15.30
N ARG D 52 18.98 -0.15 15.53
CA ARG D 52 19.81 -0.55 16.61
C ARG D 52 18.95 -0.18 17.79
N GLN D 53 18.54 1.07 17.82
CA GLN D 53 17.72 1.48 18.93
C GLN D 53 16.56 0.53 19.17
N LEU D 54 15.86 0.17 18.12
CA LEU D 54 14.72 -0.70 18.27
C LEU D 54 14.95 -2.13 18.69
N VAL D 55 15.98 -2.76 18.20
CA VAL D 55 16.24 -4.13 18.53
C VAL D 55 16.58 -4.29 19.99
N GLU D 56 17.44 -3.42 20.44
CA GLU D 56 17.97 -3.36 21.79
C GLU D 56 16.96 -3.11 22.89
N LYS D 57 16.07 -2.16 22.64
CA LYS D 57 15.03 -1.79 23.55
C LYS D 57 14.04 -2.92 23.58
N GLY D 58 13.94 -3.55 22.41
CA GLY D 58 13.08 -4.65 22.13
C GLY D 58 13.42 -5.93 22.83
N PRO D 59 12.40 -6.77 22.86
CA PRO D 59 12.33 -8.08 23.49
C PRO D 59 13.24 -9.15 22.92
N GLN D 60 13.88 -8.92 21.80
CA GLN D 60 14.77 -9.92 21.24
C GLN D 60 16.15 -9.87 21.93
N TYR D 61 16.67 -11.02 22.33
CA TYR D 61 17.96 -11.11 22.98
C TYR D 61 18.81 -12.22 22.41
N GLY D 62 19.83 -12.60 23.16
CA GLY D 62 20.73 -13.64 22.76
C GLY D 62 21.49 -13.46 21.47
N THR D 63 21.82 -14.59 20.85
CA THR D 63 22.55 -14.62 19.61
C THR D 63 21.69 -14.37 18.42
N VAL D 64 20.41 -14.18 18.62
CA VAL D 64 19.49 -13.92 17.56
C VAL D 64 19.32 -12.42 17.58
N GLU D 65 19.74 -11.77 18.64
CA GLU D 65 19.61 -10.33 18.68
C GLU D 65 20.79 -9.83 17.90
N LYS D 66 21.86 -10.57 18.03
CA LYS D 66 23.08 -10.25 17.37
C LYS D 66 23.02 -10.40 15.86
N ALA D 67 22.30 -11.38 15.35
CA ALA D 67 22.18 -11.59 13.91
C ALA D 67 21.49 -10.40 13.21
N TRP D 68 20.50 -9.89 13.91
CA TRP D 68 19.71 -8.77 13.47
C TRP D 68 20.57 -7.50 13.51
N MET D 69 21.36 -7.40 14.57
CA MET D 69 22.21 -6.26 14.70
C MET D 69 23.33 -6.36 13.69
N ALA D 70 23.48 -7.49 13.05
CA ALA D 70 24.48 -7.61 12.02
C ALA D 70 24.15 -6.84 10.74
N PHE D 71 22.87 -6.72 10.45
CA PHE D 71 22.41 -6.01 9.28
C PHE D 71 22.61 -4.50 9.41
N MET D 72 22.47 -3.98 10.61
CA MET D 72 22.72 -2.59 10.90
C MET D 72 24.17 -2.25 10.63
N SER D 73 25.05 -3.17 10.98
CA SER D 73 26.44 -3.06 10.69
C SER D 73 26.71 -3.11 9.20
N GLU D 74 26.00 -3.93 8.49
CA GLU D 74 26.16 -4.01 7.08
C GLU D 74 25.74 -2.69 6.43
N ALA D 75 24.68 -2.10 6.94
CA ALA D 75 24.17 -0.89 6.38
C ALA D 75 25.19 0.20 6.65
N GLU D 76 25.79 0.15 7.82
CA GLU D 76 26.81 1.11 8.17
C GLU D 76 28.05 0.98 7.33
N ARG D 77 28.42 -0.23 6.97
CA ARG D 77 29.57 -0.45 6.13
C ARG D 77 29.31 -0.04 4.70
N VAL D 78 28.08 -0.19 4.27
CA VAL D 78 27.74 0.10 2.91
C VAL D 78 27.55 1.57 2.78
N SER D 79 27.20 2.21 3.88
CA SER D 79 27.03 3.65 3.89
C SER D 79 28.40 4.26 3.88
N GLU D 80 29.37 3.53 4.40
CA GLU D 80 30.72 3.98 4.42
C GLU D 80 31.37 3.84 3.07
N LEU D 81 30.79 3.03 2.21
CA LEU D 81 31.30 2.81 0.86
C LEU D 81 30.84 3.80 -0.21
N HIS D 82 29.55 4.12 -0.15
CA HIS D 82 28.89 5.03 -1.06
C HIS D 82 29.27 6.42 -0.73
N LEU D 83 29.61 6.61 0.51
CA LEU D 83 30.03 7.87 0.99
C LEU D 83 31.42 8.05 0.47
N GLU D 84 32.14 6.96 0.28
CA GLU D 84 33.47 7.03 -0.26
C GLU D 84 33.43 7.18 -1.79
N VAL D 85 32.31 6.88 -2.43
CA VAL D 85 32.18 7.05 -3.89
C VAL D 85 32.10 8.58 -4.04
N LYS D 86 31.13 9.19 -3.38
CA LYS D 86 31.00 10.64 -3.34
C LYS D 86 32.36 11.29 -3.20
N ALA D 87 33.11 10.87 -2.21
CA ALA D 87 34.43 11.38 -1.92
C ALA D 87 35.37 11.31 -3.09
N SER D 88 35.39 10.21 -3.79
CA SER D 88 36.27 10.13 -4.92
C SER D 88 35.80 10.91 -6.13
N LEU D 89 34.49 10.97 -6.35
CA LEU D 89 33.96 11.70 -7.48
C LEU D 89 34.25 13.19 -7.33
N MET D 90 34.15 13.64 -6.11
CA MET D 90 34.21 15.05 -5.75
C MET D 90 35.61 15.55 -5.44
N ASN D 91 36.38 14.76 -4.68
CA ASN D 91 37.78 15.12 -4.36
C ASN D 91 38.75 14.70 -5.44
N ASP D 92 38.34 13.78 -6.29
CA ASP D 92 39.26 13.33 -7.30
C ASP D 92 38.79 13.67 -8.70
N ASP D 93 37.62 13.22 -9.09
CA ASP D 93 37.26 13.27 -10.50
C ASP D 93 36.90 14.68 -10.91
N PHE D 94 35.89 15.23 -10.24
CA PHE D 94 35.35 16.60 -10.36
C PHE D 94 36.44 17.65 -10.24
N GLU D 95 37.35 17.48 -9.30
CA GLU D 95 38.46 18.41 -9.23
C GLU D 95 39.39 18.24 -10.44
N LYS D 96 39.67 17.01 -10.84
CA LYS D 96 40.63 16.80 -11.93
C LYS D 96 40.21 17.58 -13.17
N ILE D 97 38.93 17.45 -13.54
CA ILE D 97 38.30 18.22 -14.61
C ILE D 97 38.41 19.71 -14.23
N LYS D 98 38.05 20.05 -13.01
CA LYS D 98 38.04 21.45 -12.59
C LYS D 98 39.39 22.09 -12.79
N ASN D 99 40.47 21.36 -12.59
CA ASN D 99 41.77 21.95 -12.79
C ASN D 99 42.16 21.97 -14.25
N TRP D 100 41.72 20.98 -15.01
CA TRP D 100 42.07 20.90 -16.39
C TRP D 100 41.39 22.04 -17.12
N GLN D 101 40.15 22.35 -16.72
CA GLN D 101 39.41 23.49 -17.25
C GLN D 101 40.08 24.82 -16.90
N LYS D 102 40.64 24.90 -15.68
CA LYS D 102 41.44 26.06 -15.28
C LYS D 102 42.60 26.29 -16.25
N GLU D 103 43.26 25.19 -16.62
CA GLU D 103 44.60 25.20 -17.18
C GLU D 103 44.64 25.22 -18.71
N ALA D 104 43.52 24.88 -19.35
CA ALA D 104 43.38 24.87 -20.79
C ALA D 104 42.55 26.07 -21.33
N PHE D 105 41.66 26.64 -20.51
CA PHE D 105 40.80 27.75 -20.90
C PHE D 105 40.99 28.93 -19.94
N HIS D 106 41.26 30.12 -20.48
CA HIS D 106 41.66 31.27 -19.69
C HIS D 106 40.80 32.50 -19.99
N LYS D 107 39.90 32.86 -19.11
CA LYS D 107 39.07 34.02 -19.30
C LYS D 107 39.90 35.29 -19.29
N GLN D 108 39.57 36.22 -20.17
CA GLN D 108 40.27 37.47 -20.26
C GLN D 108 39.41 38.56 -19.69
N MET D 109 40.04 39.67 -19.32
CA MET D 109 39.33 40.79 -18.74
C MET D 109 38.27 41.36 -19.65
N MET D 110 38.59 41.44 -20.93
CA MET D 110 37.68 41.96 -21.93
C MET D 110 36.48 41.06 -22.05
N GLY D 111 36.72 39.80 -21.70
CA GLY D 111 35.74 38.76 -21.71
C GLY D 111 36.15 37.78 -22.76
N GLY D 112 35.65 36.58 -22.67
CA GLY D 112 35.99 35.58 -23.66
C GLY D 112 37.19 34.78 -23.31
N PHE D 113 37.38 33.66 -23.97
CA PHE D 113 38.56 32.91 -23.62
C PHE D 113 39.72 33.31 -24.48
N LYS D 114 40.90 33.30 -23.88
CA LYS D 114 42.10 33.52 -24.64
C LYS D 114 42.05 32.62 -25.85
N GLU D 115 41.87 31.33 -25.66
CA GLU D 115 42.18 30.41 -26.74
C GLU D 115 41.10 30.40 -27.81
N THR D 116 39.96 30.96 -27.50
CA THR D 116 38.97 31.17 -28.53
C THR D 116 39.14 32.45 -29.34
N LYS D 117 39.69 33.49 -28.75
CA LYS D 117 40.03 34.68 -29.53
C LYS D 117 41.20 34.45 -30.44
N GLU D 118 42.14 33.64 -30.04
CA GLU D 118 43.34 33.42 -30.82
C GLU D 118 43.14 32.59 -32.08
N ALA D 119 42.14 31.71 -32.07
CA ALA D 119 41.62 31.04 -33.24
C ALA D 119 40.93 32.11 -34.07
N GLU D 120 40.05 32.85 -33.43
CA GLU D 120 39.28 33.89 -34.09
C GLU D 120 40.20 34.76 -34.93
N ASP D 121 41.21 35.33 -34.27
CA ASP D 121 42.31 36.08 -34.90
C ASP D 121 43.10 35.30 -35.95
N GLY D 122 43.47 34.07 -35.63
CA GLY D 122 44.17 33.20 -36.57
C GLY D 122 43.45 33.14 -37.89
N PHE D 123 42.14 32.96 -37.80
CA PHE D 123 41.30 32.83 -38.97
C PHE D 123 41.24 34.10 -39.80
N ARG D 124 41.00 35.23 -39.16
CA ARG D 124 41.03 36.49 -39.90
C ARG D 124 42.33 36.69 -40.67
N LYS D 125 43.47 36.67 -39.99
CA LYS D 125 44.77 36.72 -40.68
C LYS D 125 44.78 35.85 -41.91
N ALA D 126 44.49 34.57 -41.72
CA ALA D 126 44.61 33.60 -42.76
C ALA D 126 43.65 33.91 -43.91
N GLN D 127 42.47 34.45 -43.57
CA GLN D 127 41.37 34.68 -44.55
C GLN D 127 41.27 36.12 -45.08
N LYS D 128 42.07 37.04 -44.54
CA LYS D 128 41.95 38.45 -44.93
C LYS D 128 42.38 38.76 -46.36
N PRO D 129 43.46 38.19 -46.86
CA PRO D 129 43.88 38.49 -48.22
C PRO D 129 42.89 37.98 -49.26
N TRP D 130 42.39 36.78 -49.04
CA TRP D 130 41.46 36.14 -49.92
C TRP D 130 40.10 36.80 -49.93
N ALA D 131 39.64 37.22 -48.77
CA ALA D 131 38.36 37.89 -48.67
C ALA D 131 38.35 39.19 -49.43
N LYS D 132 39.45 39.92 -49.33
CA LYS D 132 39.56 41.18 -50.01
C LYS D 132 39.63 40.89 -51.49
N LYS D 133 40.38 39.87 -51.85
CA LYS D 133 40.47 39.57 -53.26
C LYS D 133 39.08 39.24 -53.80
N LEU D 134 38.27 38.56 -53.00
CA LEU D 134 36.95 38.19 -53.45
C LEU D 134 35.95 39.35 -53.48
N LYS D 135 36.12 40.29 -52.59
CA LYS D 135 35.22 41.41 -52.60
C LYS D 135 35.55 42.13 -53.88
N GLU D 136 36.83 42.08 -54.24
CA GLU D 136 37.29 42.72 -55.44
C GLU D 136 36.66 42.06 -56.63
N VAL D 137 36.73 40.75 -56.65
CA VAL D 137 36.17 39.97 -57.74
C VAL D 137 34.70 40.25 -57.96
N GLU D 138 34.02 40.72 -56.93
CA GLU D 138 32.62 40.97 -57.12
C GLU D 138 32.27 42.41 -57.39
N ALA D 139 33.12 43.34 -57.02
CA ALA D 139 32.83 44.72 -57.35
C ALA D 139 32.88 44.67 -58.86
N ALA D 140 34.00 44.12 -59.30
CA ALA D 140 34.28 43.92 -60.69
C ALA D 140 33.12 43.20 -61.33
N LYS D 141 32.73 42.06 -60.78
CA LYS D 141 31.65 41.35 -61.46
C LYS D 141 30.33 42.09 -61.56
N LYS D 142 29.91 42.79 -60.52
CA LYS D 142 28.65 43.48 -60.65
C LYS D 142 28.76 44.63 -61.65
N ALA D 143 29.95 45.23 -61.72
CA ALA D 143 30.17 46.31 -62.65
C ALA D 143 30.11 45.80 -64.07
N HIS D 144 30.70 44.64 -64.27
CA HIS D 144 30.72 44.01 -65.58
C HIS D 144 29.30 43.68 -66.00
N HIS D 145 28.49 43.27 -65.03
CA HIS D 145 27.12 42.89 -65.30
C HIS D 145 26.30 44.13 -65.65
N ALA D 146 26.67 45.24 -65.04
CA ALA D 146 26.01 46.50 -65.31
C ALA D 146 26.38 47.00 -66.70
N ALA D 147 27.58 46.67 -67.14
CA ALA D 147 28.02 47.08 -68.46
C ALA D 147 27.33 46.20 -69.46
N CYS D 148 26.97 44.99 -69.06
CA CYS D 148 26.27 44.11 -69.96
C CYS D 148 24.82 44.59 -70.06
N LYS D 149 24.35 45.25 -69.02
CA LYS D 149 22.99 45.78 -69.06
C LYS D 149 23.01 47.16 -69.69
N GLU D 150 24.21 47.67 -69.93
CA GLU D 150 24.39 48.97 -70.54
C GLU D 150 24.44 48.85 -72.07
N GLU D 151 25.09 47.80 -72.51
CA GLU D 151 25.25 47.48 -73.91
C GLU D 151 23.97 47.04 -74.55
N LYS D 152 23.28 46.11 -73.90
CA LYS D 152 22.04 45.64 -74.49
C LYS D 152 20.99 46.72 -74.56
N LEU D 153 21.06 47.67 -73.62
CA LEU D 153 20.11 48.76 -73.59
C LEU D 153 20.40 49.75 -74.68
N ALA D 154 21.67 49.88 -75.04
CA ALA D 154 22.03 50.80 -76.09
C ALA D 154 21.43 50.15 -77.33
N ILE D 155 21.50 48.83 -77.34
CA ILE D 155 20.95 48.11 -78.47
C ILE D 155 19.44 48.34 -78.57
N SER D 156 18.74 48.31 -77.46
CA SER D 156 17.31 48.52 -77.49
C SER D 156 16.98 49.94 -77.90
N ARG D 157 17.85 50.86 -77.53
CA ARG D 157 17.66 52.26 -77.85
C ARG D 157 17.76 52.45 -79.35
N GLU D 158 18.65 51.69 -79.98
CA GLU D 158 18.80 51.80 -81.43
C GLU D 158 17.66 51.07 -82.09
N ALA D 159 17.17 50.04 -81.43
CA ALA D 159 16.07 49.26 -81.96
C ALA D 159 14.84 50.13 -81.89
N ASN D 160 14.89 51.28 -81.24
CA ASN D 160 13.67 52.10 -81.26
C ASN D 160 13.84 53.24 -82.28
N SER D 161 15.08 53.65 -82.41
CA SER D 161 15.44 54.69 -83.33
C SER D 161 15.24 54.21 -84.77
N LYS D 162 15.42 52.90 -84.96
CA LYS D 162 15.23 52.28 -86.27
C LYS D 162 13.78 52.46 -86.69
N ALA D 163 12.86 52.23 -85.77
CA ALA D 163 11.46 52.43 -86.10
C ALA D 163 11.41 53.93 -85.99
N ASP D 164 10.73 54.62 -86.88
CA ASP D 164 10.74 56.06 -86.73
C ASP D 164 10.14 56.42 -85.38
N PRO D 165 10.86 57.27 -84.65
CA PRO D 165 10.45 57.77 -83.34
C PRO D 165 9.75 59.08 -83.60
N SER D 166 9.53 59.90 -82.61
CA SER D 166 8.86 61.16 -82.89
C SER D 166 9.69 61.98 -83.87
N LEU D 167 10.99 62.10 -83.58
CA LEU D 167 11.89 62.86 -84.46
C LEU D 167 12.28 62.28 -85.83
N ASN D 168 12.61 60.99 -85.88
CA ASN D 168 13.00 60.36 -87.13
C ASN D 168 14.20 61.06 -87.76
N PRO D 169 15.12 61.51 -86.92
CA PRO D 169 16.32 62.25 -87.35
C PRO D 169 17.52 61.43 -87.78
N GLU D 170 18.56 62.12 -88.19
CA GLU D 170 19.81 61.51 -88.61
C GLU D 170 20.99 61.81 -87.68
N GLN D 171 20.69 62.38 -86.53
CA GLN D 171 21.68 62.91 -85.62
C GLN D 171 22.06 61.79 -84.69
N LEU D 172 21.63 60.60 -85.09
CA LEU D 172 21.81 59.34 -84.38
C LEU D 172 23.15 58.65 -84.57
N LYS D 173 24.15 59.33 -85.08
CA LYS D 173 25.44 58.69 -85.25
C LYS D 173 25.84 58.22 -83.87
N LYS D 174 25.55 59.07 -82.90
CA LYS D 174 25.83 58.85 -81.51
C LYS D 174 25.09 57.65 -80.93
N LEU D 175 23.84 57.48 -81.31
CA LEU D 175 23.07 56.37 -80.79
C LEU D 175 23.77 55.09 -81.12
N GLN D 176 24.33 54.98 -82.31
CA GLN D 176 25.07 53.78 -82.65
C GLN D 176 26.44 53.78 -81.99
N ASP D 177 27.05 54.96 -81.96
CA ASP D 177 28.31 55.14 -81.27
C ASP D 177 28.18 54.93 -79.78
N LYS D 178 27.04 55.29 -79.21
CA LYS D 178 26.76 55.02 -77.81
C LYS D 178 26.69 53.53 -77.54
N ILE D 179 26.09 52.80 -78.45
CA ILE D 179 26.10 51.37 -78.29
C ILE D 179 27.56 50.91 -78.36
N GLU D 180 28.36 51.56 -79.20
CA GLU D 180 29.80 51.29 -79.27
C GLU D 180 30.60 51.59 -77.99
N LYS D 181 30.25 52.64 -77.27
CA LYS D 181 30.84 52.92 -75.96
C LYS D 181 30.47 51.79 -75.05
N CYS D 182 29.24 51.34 -75.14
CA CYS D 182 28.85 50.23 -74.30
C CYS D 182 29.68 49.02 -74.62
N LYS D 183 29.95 48.79 -75.89
CA LYS D 183 30.70 47.63 -76.30
C LYS D 183 32.11 47.68 -75.74
N GLN D 184 32.70 48.85 -75.80
CA GLN D 184 34.05 49.00 -75.27
C GLN D 184 34.04 48.74 -73.77
N ASP D 185 33.02 49.23 -73.09
CA ASP D 185 32.94 49.00 -71.67
C ASP D 185 32.86 47.54 -71.37
N VAL D 186 32.03 46.82 -72.09
CA VAL D 186 31.91 45.43 -71.76
C VAL D 186 33.24 44.78 -71.95
N LEU D 187 33.93 45.04 -73.05
CA LEU D 187 35.18 44.32 -73.17
C LEU D 187 36.14 44.64 -72.03
N LYS D 188 36.28 45.91 -71.69
CA LYS D 188 37.27 46.23 -70.67
C LYS D 188 36.90 45.61 -69.32
N THR D 189 35.63 45.74 -68.97
CA THR D 189 35.14 45.26 -67.69
C THR D 189 35.35 43.77 -67.61
N LYS D 190 35.17 43.10 -68.75
CA LYS D 190 35.30 41.67 -68.76
C LYS D 190 36.75 41.31 -68.53
N GLU D 191 37.66 42.00 -69.19
CA GLU D 191 39.05 41.65 -68.96
C GLU D 191 39.53 41.90 -67.53
N LYS D 192 39.07 42.97 -66.88
CA LYS D 192 39.34 43.08 -65.45
C LYS D 192 38.68 42.03 -64.52
N TYR D 193 37.39 41.81 -64.70
CA TYR D 193 36.62 40.85 -63.92
C TYR D 193 37.11 39.43 -64.06
N GLU D 194 38.04 39.22 -64.95
CA GLU D 194 38.60 37.90 -65.17
C GLU D 194 40.09 37.99 -64.97
N LYS D 195 40.55 39.19 -64.67
CA LYS D 195 41.89 39.41 -64.13
C LYS D 195 41.89 39.01 -62.68
N SER D 196 40.97 39.59 -61.94
CA SER D 196 40.93 39.43 -60.50
C SER D 196 40.56 38.00 -60.11
N LEU D 197 39.92 37.28 -61.02
CA LEU D 197 39.59 35.91 -60.75
C LEU D 197 40.87 35.10 -60.73
N LYS D 198 41.67 35.26 -61.77
CA LYS D 198 42.94 34.55 -61.93
C LYS D 198 43.86 34.77 -60.76
N GLU D 199 43.94 36.03 -60.37
CA GLU D 199 44.77 36.45 -59.28
C GLU D 199 44.25 35.73 -58.06
N LEU D 200 42.94 35.56 -58.01
CA LEU D 200 42.35 34.88 -56.89
C LEU D 200 42.75 33.44 -56.90
N ASP D 201 42.73 32.77 -58.04
CA ASP D 201 43.14 31.38 -58.01
C ASP D 201 44.62 31.22 -57.78
N GLN D 202 45.40 32.18 -58.24
CA GLN D 202 46.83 32.08 -58.05
C GLN D 202 47.10 32.19 -56.57
N GLY D 203 46.31 32.97 -55.82
CA GLY D 203 46.50 33.09 -54.37
C GLY D 203 45.75 32.11 -53.45
N THR D 204 44.80 31.41 -54.04
CA THR D 204 43.98 30.45 -53.32
C THR D 204 44.67 29.30 -52.62
N PRO D 205 45.75 28.76 -53.15
CA PRO D 205 46.40 27.63 -52.48
C PRO D 205 47.10 28.00 -51.19
N GLN D 206 47.71 29.18 -51.16
CA GLN D 206 48.37 29.64 -49.96
C GLN D 206 47.25 30.05 -49.03
N TYR D 207 46.12 30.47 -49.57
CA TYR D 207 45.03 30.81 -48.70
C TYR D 207 44.61 29.56 -47.98
N MET D 208 44.53 28.48 -48.72
CA MET D 208 44.15 27.20 -48.17
C MET D 208 45.13 26.71 -47.13
N GLU D 209 46.39 26.99 -47.36
CA GLU D 209 47.43 26.56 -46.44
C GLU D 209 47.28 27.19 -45.07
N ASN D 210 47.14 28.50 -45.06
CA ASN D 210 46.96 29.32 -43.88
C ASN D 210 45.74 28.91 -43.04
N MET D 211 44.65 28.56 -43.72
CA MET D 211 43.47 28.02 -43.04
C MET D 211 43.74 26.67 -42.37
N GLU D 212 44.26 25.74 -43.16
CA GLU D 212 44.59 24.43 -42.66
C GLU D 212 45.60 24.50 -41.51
N GLN D 213 46.47 25.52 -41.51
CA GLN D 213 47.45 25.70 -40.43
C GLN D 213 46.68 26.00 -39.13
N VAL D 214 45.82 27.00 -39.17
CA VAL D 214 44.99 27.31 -38.02
C VAL D 214 44.08 26.12 -37.71
N PHE D 215 43.26 25.69 -38.68
CA PHE D 215 42.25 24.71 -38.33
C PHE D 215 42.85 23.47 -37.68
N GLU D 216 44.02 23.05 -38.16
CA GLU D 216 44.73 21.92 -37.59
C GLU D 216 45.11 22.21 -36.15
N GLN D 217 45.48 23.46 -35.88
CA GLN D 217 45.89 23.90 -34.54
C GLN D 217 44.73 23.73 -33.55
N CYS D 218 43.51 23.98 -34.03
CA CYS D 218 42.32 23.86 -33.21
C CYS D 218 42.02 22.40 -32.89
N GLN D 219 42.35 21.51 -33.82
CA GLN D 219 42.29 20.07 -33.64
C GLN D 219 43.14 19.63 -32.46
N GLN D 220 44.43 19.96 -32.57
CA GLN D 220 45.47 19.63 -31.60
C GLN D 220 45.00 19.86 -30.15
N PHE D 221 44.12 20.84 -30.02
CA PHE D 221 43.73 21.40 -28.74
C PHE D 221 42.54 20.63 -28.20
N GLU D 222 41.58 20.39 -29.10
CA GLU D 222 40.37 19.63 -28.85
C GLU D 222 40.76 18.19 -28.64
N GLU D 223 41.82 17.75 -29.30
CA GLU D 223 42.32 16.41 -29.08
C GLU D 223 42.79 16.29 -27.64
N LYS D 224 43.36 17.34 -27.08
CA LYS D 224 43.82 17.27 -25.70
C LYS D 224 42.64 17.11 -24.77
N ARG D 225 41.50 17.68 -25.17
CA ARG D 225 40.26 17.59 -24.39
C ARG D 225 39.63 16.21 -24.50
N LEU D 226 39.74 15.61 -25.69
CA LEU D 226 39.10 14.33 -25.90
C LEU D 226 39.88 13.19 -25.18
N ARG D 227 41.19 13.16 -25.25
CA ARG D 227 41.95 12.13 -24.57
C ARG D 227 41.78 12.24 -23.05
N PHE D 228 41.55 13.45 -22.58
CA PHE D 228 41.37 13.75 -21.18
C PHE D 228 40.05 13.18 -20.73
N PHE D 229 39.00 13.51 -21.44
CA PHE D 229 37.70 13.00 -21.08
C PHE D 229 37.81 11.51 -20.90
N ARG D 230 38.42 10.82 -21.85
CA ARG D 230 38.60 9.38 -21.79
C ARG D 230 39.31 8.92 -20.52
N GLU D 231 40.50 9.46 -20.27
CA GLU D 231 41.25 9.09 -19.10
C GLU D 231 40.49 9.33 -17.81
N VAL D 232 39.76 10.42 -17.73
CA VAL D 232 39.04 10.71 -16.51
C VAL D 232 37.84 9.83 -16.34
N LEU D 233 37.16 9.56 -17.43
CA LEU D 233 36.01 8.73 -17.38
C LEU D 233 36.41 7.33 -17.05
N LEU D 234 37.68 6.98 -17.26
CA LEU D 234 38.02 5.64 -16.92
C LEU D 234 38.28 5.63 -15.44
N GLU D 235 38.71 6.76 -14.91
CA GLU D 235 38.98 6.87 -13.51
C GLU D 235 37.70 6.89 -12.70
N VAL D 236 36.72 7.64 -13.19
CA VAL D 236 35.37 7.72 -12.66
C VAL D 236 34.74 6.37 -12.45
N GLN D 237 34.83 5.49 -13.44
CA GLN D 237 34.13 4.22 -13.41
C GLN D 237 34.72 3.20 -12.45
N LYS D 238 36.01 3.29 -12.20
CA LYS D 238 36.62 2.58 -11.11
C LYS D 238 36.15 3.04 -9.76
N HIS D 239 36.02 4.34 -9.59
CA HIS D 239 35.42 4.89 -8.39
C HIS D 239 34.00 4.45 -8.23
N LEU D 240 33.34 4.10 -9.32
CA LEU D 240 31.93 3.84 -9.26
C LEU D 240 31.70 2.40 -8.95
N ASP D 241 32.62 1.55 -9.30
CA ASP D 241 32.52 0.13 -9.06
C ASP D 241 32.91 -0.19 -7.62
N LEU D 242 31.98 -0.72 -6.85
CA LEU D 242 32.23 -1.08 -5.47
C LEU D 242 32.87 -2.42 -5.45
N SER D 243 32.91 -3.04 -6.59
CA SER D 243 33.51 -4.33 -6.69
C SER D 243 35.01 -4.16 -6.64
N ASN D 244 35.43 -2.91 -6.74
CA ASN D 244 36.84 -2.55 -6.72
C ASN D 244 37.48 -2.31 -5.36
N VAL D 245 36.65 -2.14 -4.36
CA VAL D 245 37.10 -1.97 -3.03
C VAL D 245 37.27 -3.36 -2.48
N ALA D 246 38.50 -3.69 -2.13
CA ALA D 246 38.80 -4.97 -1.58
C ALA D 246 38.18 -4.87 -0.23
N GLY D 247 37.16 -5.64 0.04
CA GLY D 247 36.56 -5.50 1.32
C GLY D 247 35.07 -5.39 1.23
N TYR D 248 34.55 -5.33 0.03
CA TYR D 248 33.12 -5.26 -0.13
C TYR D 248 32.55 -6.66 -0.05
N LYS D 249 33.33 -7.64 -0.47
CA LYS D 249 32.88 -9.01 -0.32
C LYS D 249 32.84 -9.36 1.18
N ALA D 250 33.67 -8.68 1.97
CA ALA D 250 33.85 -8.94 3.40
C ALA D 250 32.78 -8.33 4.27
N ILE D 251 31.96 -7.47 3.73
CA ILE D 251 30.87 -6.90 4.48
C ILE D 251 29.90 -8.07 4.65
N TYR D 252 29.60 -8.70 3.54
CA TYR D 252 28.70 -9.82 3.45
C TYR D 252 29.16 -11.10 4.11
N HIS D 253 30.42 -11.45 3.97
CA HIS D 253 30.88 -12.64 4.62
C HIS D 253 30.67 -12.43 6.11
N ASP D 254 31.11 -11.29 6.63
CA ASP D 254 30.99 -10.95 8.03
C ASP D 254 29.58 -11.00 8.51
N LEU D 255 28.66 -10.53 7.69
CA LEU D 255 27.26 -10.52 8.04
C LEU D 255 26.70 -11.91 8.12
N GLU D 256 27.03 -12.72 7.15
CA GLU D 256 26.54 -14.06 7.16
C GLU D 256 27.18 -14.87 8.25
N GLN D 257 28.28 -14.41 8.80
CA GLN D 257 28.90 -15.22 9.80
C GLN D 257 28.23 -15.04 11.13
N SER D 258 27.80 -13.81 11.41
CA SER D 258 27.11 -13.46 12.63
C SER D 258 25.77 -14.18 12.75
N ILE D 259 25.03 -14.23 11.65
CA ILE D 259 23.74 -14.88 11.59
C ILE D 259 23.87 -16.38 11.83
N ARG D 260 24.89 -16.98 11.26
CA ARG D 260 25.19 -18.37 11.38
C ARG D 260 25.52 -18.68 12.83
N ALA D 261 25.77 -17.64 13.61
CA ALA D 261 26.10 -17.78 15.01
C ALA D 261 24.89 -17.77 15.92
N ALA D 262 23.70 -17.71 15.35
CA ALA D 262 22.49 -17.71 16.12
C ALA D 262 22.24 -19.12 16.52
N ASP D 263 22.05 -19.35 17.81
CA ASP D 263 21.78 -20.67 18.30
C ASP D 263 20.56 -20.62 19.17
N ALA D 264 19.51 -21.25 18.71
CA ALA D 264 18.28 -21.27 19.42
C ALA D 264 18.45 -21.82 20.79
N VAL D 265 19.02 -23.00 20.89
CA VAL D 265 19.20 -23.62 22.19
C VAL D 265 20.10 -22.84 23.16
N GLU D 266 21.04 -22.06 22.65
CA GLU D 266 21.91 -21.29 23.49
C GLU D 266 21.05 -20.29 24.21
N ASP D 267 20.23 -19.61 23.44
CA ASP D 267 19.31 -18.59 23.92
C ASP D 267 18.28 -19.18 24.81
N LEU D 268 17.91 -20.40 24.50
CA LEU D 268 16.93 -21.11 25.26
C LEU D 268 17.47 -21.44 26.65
N ARG D 269 18.73 -21.81 26.74
CA ARG D 269 19.33 -22.12 28.03
C ARG D 269 19.53 -20.85 28.82
N TRP D 270 19.75 -19.75 28.14
CA TRP D 270 19.94 -18.51 28.83
C TRP D 270 18.62 -18.16 29.41
N PHE D 271 17.59 -18.19 28.61
CA PHE D 271 16.27 -17.90 29.12
C PHE D 271 16.00 -18.80 30.29
N ARG D 272 15.92 -20.09 30.06
CA ARG D 272 15.68 -20.99 31.15
C ARG D 272 16.42 -20.51 32.36
N ALA D 273 17.74 -20.46 32.31
CA ALA D 273 18.50 -20.11 33.51
C ALA D 273 18.22 -18.74 34.09
N ASN D 274 18.12 -17.72 33.26
CA ASN D 274 17.91 -16.38 33.76
C ASN D 274 16.46 -15.94 33.94
N HIS D 275 15.52 -16.69 33.39
CA HIS D 275 14.11 -16.38 33.56
C HIS D 275 13.16 -17.51 33.95
N GLY D 276 13.64 -18.70 34.29
CA GLY D 276 12.73 -19.80 34.47
C GLY D 276 13.13 -20.88 35.43
N PRO D 277 12.76 -22.11 35.13
CA PRO D 277 13.11 -23.20 36.01
C PRO D 277 14.52 -23.11 36.60
N GLY D 278 15.47 -22.60 35.83
CA GLY D 278 16.85 -22.44 36.32
C GLY D 278 17.06 -21.39 37.40
N MET D 279 16.07 -20.53 37.61
CA MET D 279 16.19 -19.46 38.59
C MET D 279 16.25 -20.04 40.01
N ALA D 280 17.07 -19.42 40.87
CA ALA D 280 17.24 -19.89 42.25
C ALA D 280 16.09 -19.39 43.11
N MET D 281 15.56 -20.26 43.95
CA MET D 281 14.42 -19.91 44.81
C MET D 281 14.82 -19.86 46.28
N ASN D 282 14.16 -18.96 47.00
CA ASN D 282 14.11 -18.99 48.45
C ASN D 282 12.86 -19.77 48.80
N TRP D 283 12.98 -21.09 48.85
CA TRP D 283 11.85 -21.95 49.16
C TRP D 283 11.42 -21.64 50.59
N PRO D 284 10.11 -21.42 50.80
CA PRO D 284 9.55 -20.89 52.04
C PRO D 284 10.07 -21.57 53.30
N GLN D 285 10.43 -20.75 54.29
CA GLN D 285 11.03 -21.20 55.56
C GLN D 285 10.17 -20.80 56.75
N PHE D 286 10.61 -21.24 57.93
CA PHE D 286 10.08 -20.80 59.20
C PHE D 286 10.68 -19.43 59.50
N GLU D 287 9.85 -18.43 59.74
CA GLU D 287 10.32 -17.09 60.13
C GLU D 287 9.85 -16.74 61.56
N GLU D 288 10.78 -16.34 62.41
CA GLU D 288 10.44 -16.02 63.80
C GLU D 288 10.16 -14.57 64.20
N TRP D 289 10.88 -13.62 63.61
CA TRP D 289 10.65 -12.23 63.96
C TRP D 289 11.25 -11.24 62.95
CA CA E . -28.66 -11.03 29.69
CA CA F . -12.69 -0.30 -23.28
CA CA G . 25.05 15.51 -28.22
CA CA H . 16.89 -6.42 22.87
#